data_6BCK
#
_entry.id   6BCK
#
_cell.length_a   61.436
_cell.length_b   63.867
_cell.length_c   255.285
_cell.angle_alpha   90.00
_cell.angle_beta   90.00
_cell.angle_gamma   90.00
#
_symmetry.space_group_name_H-M   'P 21 21 21'
#
loop_
_entity.id
_entity.type
_entity.pdbx_description
1 polymer 'clade A/E 93TH057 HIV-1 gp120 core'
2 polymer 'N49P7 Fab heavy chain of N29P7 IgG'
3 polymer 'N49P7 Fab light chain from N49P7 IgG'
4 non-polymer 2-acetamido-2-deoxy-beta-D-glucopyranose
5 non-polymer (4S)-2-METHYL-2,4-PENTANEDIOL
6 water water
#
loop_
_entity_poly.entity_id
_entity_poly.type
_entity_poly.pdbx_seq_one_letter_code
_entity_poly.pdbx_strand_id
1 'polypeptide(L)'
;VWKDADTTLFCASDAKAHETEVHNVWATHACVPTDPNPQEIHLENVTENFNMWKNNMVEQMQEDVISLWDQSLQPCVKLT
GGSVIKQACPKISFDPIPIHYCTPAGYVILKCNDKNFNGTGPCKNVSSVQCTHGIKPVVSTQLLLNGSLAEEEIIIRSEN
LTNNAKTIIVHLNKSVEINCTRPSNGGSGSGGDIRKAYCEINGTKWNKVLKQVTEKLKEHFNNKTIIFQPPSGGDLEITM
HSFNCRGEFFYCNTTQLFNNTCIGNETMKGCNGTITLPCKIKQIINMWQGTGQAMYAPPIDGKINCVSNITGILLTRDGG
ANNTSNETFRPGGGNIKDNWRSELYKYKVVQIE
;
G
2 'polypeptide(L)'
;ADLVQSGAVVKKPGDSVRISCEAQGYRFPDYIIHWIRRAPGQGPEWMGWMNPMGGQVNIPWKFQGRVSMTRDTSIETAFL
DLRGLKSDDTAVYYCVRDRSNGSGKRFESSNWFLDLWGRGTAVTIQSASTKGPSVFPLAPSSKSTSGGTAALGCLVKDYF
PEPVTVSWNSGALTSGVHTFPAVLQSSGLYSLSSVVTVPSSSLGTQTYICNVNHKPSNTKVDKRVEPK
;
H
3 'polypeptide(L)'
;QSALTQPRSVSASPGQSVTISCTGTHNLVSWCQHQPGRAPKLLIYDFNKRPSGVPDRFSGSGSGGTASLTITGLQDDDDA
EYFCWAYEAFGGGTKLTVLGQPKAAPSVTLFPPSSEELQANKATLVCLISDFYPGAVTVAWKADSSPVKAGVETTTPSKQ
SNNKYAASSYLSLTPEQWKSHRSYSCQVTHEGSTVEKTVAPTECS
;
L
#
loop_
_chem_comp.id
_chem_comp.type
_chem_comp.name
_chem_comp.formula
MPD non-polymer (4S)-2-METHYL-2,4-PENTANEDIOL 'C6 H14 O2'
NAG D-saccharide, beta linking 2-acetamido-2-deoxy-beta-D-glucopyranose 'C8 H15 N O6'
#
# COMPACT_ATOMS: atom_id res chain seq x y z
N VAL A 1 -36.17 26.10 -10.26
CA VAL A 1 -35.42 25.30 -9.30
C VAL A 1 -34.90 24.03 -9.94
N TRP A 2 -33.74 23.56 -9.47
CA TRP A 2 -33.07 22.42 -10.06
C TRP A 2 -32.47 21.53 -8.98
N LYS A 3 -32.33 20.25 -9.31
CA LYS A 3 -31.64 19.29 -8.47
C LYS A 3 -30.56 18.60 -9.28
N ASP A 4 -29.57 18.06 -8.56
CA ASP A 4 -28.51 17.29 -9.22
C ASP A 4 -29.11 16.03 -9.83
N ALA A 5 -28.67 15.71 -11.05
CA ALA A 5 -29.19 14.55 -11.75
C ALA A 5 -28.15 14.07 -12.76
N ASP A 6 -28.42 12.89 -13.31
CA ASP A 6 -27.56 12.26 -14.30
C ASP A 6 -28.42 11.74 -15.44
N THR A 7 -28.07 12.11 -16.67
CA THR A 7 -28.81 11.68 -17.84
C THR A 7 -27.85 11.55 -19.01
N THR A 8 -28.33 10.90 -20.06
CA THR A 8 -27.57 10.75 -21.28
C THR A 8 -27.45 12.10 -21.99
N LEU A 9 -26.22 12.49 -22.31
CA LEU A 9 -25.97 13.69 -23.08
C LEU A 9 -25.83 13.34 -24.56
N PHE A 10 -25.62 14.37 -25.38
CA PHE A 10 -25.24 14.15 -26.76
C PHE A 10 -24.12 15.11 -27.08
N CYS A 11 -23.56 15.00 -28.28
CA CYS A 11 -22.39 15.78 -28.62
C CYS A 11 -22.66 16.65 -29.84
N ALA A 12 -21.87 17.72 -29.93
CA ALA A 12 -21.96 18.69 -31.01
C ALA A 12 -20.57 18.99 -31.53
N SER A 13 -20.48 19.23 -32.83
CA SER A 13 -19.19 19.45 -33.47
C SER A 13 -19.39 20.26 -34.75
N ASP A 14 -18.26 20.65 -35.34
CA ASP A 14 -18.23 21.31 -36.65
C ASP A 14 -17.67 20.39 -37.72
N ALA A 15 -17.90 19.09 -37.59
CA ALA A 15 -17.28 18.10 -38.47
C ALA A 15 -17.85 18.18 -39.88
N LYS A 16 -17.04 17.72 -40.83
CA LYS A 16 -17.39 17.70 -42.25
C LYS A 16 -17.81 16.31 -42.68
N ALA A 17 -18.92 16.24 -43.42
CA ALA A 17 -19.40 14.95 -43.90
C ALA A 17 -18.52 14.38 -45.00
N HIS A 18 -17.76 15.22 -45.69
CA HIS A 18 -16.90 14.78 -46.79
C HIS A 18 -15.49 14.45 -46.36
N GLU A 19 -15.10 14.78 -45.12
CA GLU A 19 -13.73 14.56 -44.70
C GLU A 19 -13.46 13.09 -44.46
N THR A 20 -12.23 12.68 -44.73
CA THR A 20 -11.74 11.36 -44.36
C THR A 20 -10.91 11.39 -43.09
N GLU A 21 -10.56 12.57 -42.59
CA GLU A 21 -9.95 12.65 -41.27
C GLU A 21 -10.88 11.97 -40.28
N VAL A 22 -10.29 11.19 -39.38
CA VAL A 22 -11.06 10.18 -38.66
C VAL A 22 -12.01 10.79 -37.62
N HIS A 23 -11.59 11.88 -36.95
CA HIS A 23 -12.47 12.51 -35.96
C HIS A 23 -13.70 13.14 -36.62
N ASN A 24 -13.54 13.68 -37.83
CA ASN A 24 -14.69 14.25 -38.54
C ASN A 24 -15.68 13.16 -38.93
N VAL A 25 -15.18 12.01 -39.38
CA VAL A 25 -16.06 10.88 -39.72
C VAL A 25 -16.84 10.46 -38.49
N TRP A 26 -16.16 10.34 -37.34
CA TRP A 26 -16.89 9.96 -36.14
C TRP A 26 -17.88 11.04 -35.70
N ALA A 27 -17.52 12.31 -35.87
CA ALA A 27 -18.32 13.38 -35.27
C ALA A 27 -19.53 13.76 -36.12
N THR A 28 -19.49 13.56 -37.45
CA THR A 28 -20.69 13.83 -38.24
C THR A 28 -21.78 12.81 -37.94
N HIS A 29 -21.41 11.56 -37.66
CA HIS A 29 -22.38 10.49 -37.45
C HIS A 29 -22.67 10.22 -35.98
N ALA A 30 -21.87 10.77 -35.06
CA ALA A 30 -22.16 10.63 -33.64
C ALA A 30 -22.65 11.93 -33.00
N CYS A 31 -22.38 13.08 -33.61
CA CYS A 31 -22.74 14.37 -33.04
C CYS A 31 -23.64 15.14 -34.01
N VAL A 32 -24.15 16.27 -33.52
CA VAL A 32 -24.97 17.18 -34.30
C VAL A 32 -24.17 18.45 -34.58
N PRO A 33 -24.61 19.32 -35.47
CA PRO A 33 -23.91 20.60 -35.65
C PRO A 33 -23.91 21.42 -34.35
N THR A 34 -22.87 22.24 -34.20
CA THR A 34 -22.75 23.10 -33.03
C THR A 34 -23.94 24.06 -32.94
N ASP A 35 -24.25 24.49 -31.72
CA ASP A 35 -25.38 25.38 -31.49
C ASP A 35 -25.26 26.63 -32.35
N PRO A 36 -26.20 26.87 -33.28
CA PRO A 36 -26.06 28.01 -34.21
C PRO A 36 -26.15 29.37 -33.54
N ASN A 37 -26.81 29.49 -32.40
CA ASN A 37 -26.84 30.75 -31.64
C ASN A 37 -26.82 30.42 -30.16
N PRO A 38 -25.65 30.09 -29.61
CA PRO A 38 -25.55 29.84 -28.18
C PRO A 38 -25.49 31.15 -27.41
N GLN A 39 -25.91 31.08 -26.15
CA GLN A 39 -25.82 32.24 -25.27
C GLN A 39 -25.95 31.76 -23.84
N GLU A 40 -25.10 32.27 -22.96
CA GLU A 40 -25.09 31.85 -21.57
C GLU A 40 -25.96 32.76 -20.72
N ILE A 41 -26.21 32.33 -19.50
CA ILE A 41 -27.15 32.98 -18.59
C ILE A 41 -26.50 33.07 -17.22
N HIS A 42 -26.45 34.28 -16.66
CA HIS A 42 -25.95 34.43 -15.31
C HIS A 42 -27.00 33.97 -14.30
N LEU A 43 -26.52 33.40 -13.19
CA LEU A 43 -27.37 32.93 -12.10
C LEU A 43 -27.08 33.79 -10.89
N GLU A 44 -27.66 35.00 -10.90
CA GLU A 44 -27.31 36.05 -9.96
C GLU A 44 -27.52 35.60 -8.51
N ASN A 45 -26.48 35.78 -7.69
CA ASN A 45 -26.56 35.55 -6.25
C ASN A 45 -26.95 34.11 -5.91
N VAL A 46 -26.35 33.15 -6.62
CA VAL A 46 -26.59 31.73 -6.39
C VAL A 46 -25.25 31.02 -6.28
N THR A 47 -25.19 30.03 -5.39
CA THR A 47 -23.99 29.23 -5.16
C THR A 47 -24.33 27.77 -5.38
N GLU A 48 -23.38 27.04 -5.98
CA GLU A 48 -23.55 25.61 -6.24
C GLU A 48 -22.25 24.89 -5.87
N ASN A 49 -22.36 23.57 -5.71
CA ASN A 49 -21.26 22.73 -5.24
C ASN A 49 -20.85 21.76 -6.35
N PHE A 50 -19.84 22.16 -7.12
CA PHE A 50 -19.28 21.30 -8.15
C PHE A 50 -18.33 20.29 -7.52
N ASN A 51 -18.14 19.16 -8.21
CA ASN A 51 -17.20 18.14 -7.74
C ASN A 51 -16.68 17.38 -8.96
N MET A 52 -15.55 17.84 -9.50
CA MET A 52 -14.99 17.30 -10.74
C MET A 52 -14.56 15.85 -10.63
N TRP A 53 -14.54 15.27 -9.44
CA TRP A 53 -14.10 13.90 -9.27
C TRP A 53 -15.24 12.90 -9.16
N LYS A 54 -16.50 13.39 -9.25
CA LYS A 54 -17.69 12.55 -9.38
C LYS A 54 -18.65 13.25 -10.35
N ASN A 55 -18.27 13.28 -11.62
CA ASN A 55 -19.03 13.90 -12.69
C ASN A 55 -19.28 12.86 -13.77
N ASN A 56 -20.55 12.64 -14.11
CA ASN A 56 -20.86 11.63 -15.11
C ASN A 56 -20.56 12.07 -16.52
N MET A 57 -20.47 13.38 -16.78
CA MET A 57 -20.02 13.87 -18.07
C MET A 57 -18.68 13.25 -18.43
N VAL A 58 -17.83 13.03 -17.42
CA VAL A 58 -16.51 12.46 -17.63
C VAL A 58 -16.61 11.01 -18.11
N GLU A 59 -17.45 10.21 -17.44
CA GLU A 59 -17.64 8.82 -17.87
C GLU A 59 -18.19 8.74 -19.28
N GLN A 60 -19.13 9.63 -19.61
CA GLN A 60 -19.70 9.60 -20.96
C GLN A 60 -18.67 10.00 -22.01
N MET A 61 -17.86 11.03 -21.73
CA MET A 61 -16.80 11.38 -22.67
C MET A 61 -15.81 10.24 -22.82
N GLN A 62 -15.56 9.51 -21.74
CA GLN A 62 -14.68 8.34 -21.82
C GLN A 62 -15.24 7.30 -22.78
N GLU A 63 -16.51 6.94 -22.61
CA GLU A 63 -17.11 5.95 -23.51
C GLU A 63 -17.14 6.44 -24.95
N ASP A 64 -17.35 7.75 -25.14
CA ASP A 64 -17.35 8.31 -26.49
C ASP A 64 -15.99 8.18 -27.15
N VAL A 65 -14.93 8.61 -26.46
CA VAL A 65 -13.60 8.55 -27.05
C VAL A 65 -13.18 7.10 -27.29
N ILE A 66 -13.60 6.18 -26.42
CA ILE A 66 -13.35 4.76 -26.66
C ILE A 66 -14.00 4.31 -27.97
N SER A 67 -15.30 4.63 -28.15
CA SER A 67 -15.97 4.23 -29.38
C SER A 67 -15.28 4.81 -30.61
N LEU A 68 -14.89 6.08 -30.51
CA LEU A 68 -14.22 6.75 -31.62
C LEU A 68 -12.93 6.04 -31.99
N TRP A 69 -12.09 5.74 -30.99
CA TRP A 69 -10.85 5.03 -31.26
C TRP A 69 -11.09 3.59 -31.72
N ASP A 70 -12.16 2.96 -31.23
CA ASP A 70 -12.44 1.57 -31.60
C ASP A 70 -12.81 1.45 -33.07
N GLN A 71 -13.60 2.39 -33.58
CA GLN A 71 -13.92 2.35 -35.00
C GLN A 71 -12.85 2.99 -35.87
N SER A 72 -12.04 3.88 -35.31
CA SER A 72 -11.23 4.80 -36.10
C SER A 72 -9.87 4.23 -36.49
N LEU A 73 -9.10 3.76 -35.53
CA LEU A 73 -7.76 3.28 -35.81
C LEU A 73 -7.81 1.87 -36.38
N GLN A 74 -6.99 1.62 -37.40
CA GLN A 74 -6.93 0.34 -38.10
C GLN A 74 -5.56 -0.30 -37.90
N PRO A 75 -5.40 -1.10 -36.85
CA PRO A 75 -4.17 -1.89 -36.72
C PRO A 75 -4.21 -3.10 -37.61
N CYS A 76 -3.01 -3.60 -37.95
CA CYS A 76 -2.93 -4.81 -38.75
C CYS A 76 -3.47 -6.01 -37.97
N VAL A 77 -3.21 -6.04 -36.67
CA VAL A 77 -3.55 -7.17 -35.81
C VAL A 77 -3.98 -6.61 -34.46
N LYS A 78 -5.06 -7.17 -33.88
CA LYS A 78 -5.52 -6.78 -32.55
C LYS A 78 -5.68 -8.03 -31.70
N LEU A 79 -4.95 -8.10 -30.58
CA LEU A 79 -4.89 -9.24 -29.68
C LEU A 79 -5.48 -8.85 -28.34
N THR A 80 -6.50 -9.59 -27.88
CA THR A 80 -7.31 -9.22 -26.69
C THR A 80 -7.66 -10.48 -25.90
N GLY A 81 -6.71 -10.93 -25.06
CA GLY A 81 -6.90 -12.11 -24.26
C GLY A 81 -7.24 -13.34 -25.08
N GLY A 82 -6.23 -13.92 -25.71
CA GLY A 82 -6.45 -15.10 -26.55
C GLY A 82 -6.93 -14.82 -27.96
N SER A 83 -8.04 -14.08 -28.09
CA SER A 83 -8.52 -13.71 -29.41
C SER A 83 -7.54 -12.77 -30.09
N VAL A 84 -7.38 -12.92 -31.40
CA VAL A 84 -6.63 -11.93 -32.15
C VAL A 84 -7.10 -11.88 -33.59
N ILE A 85 -7.76 -10.79 -33.93
CA ILE A 85 -8.25 -10.60 -35.29
C ILE A 85 -7.17 -9.91 -36.09
N LYS A 86 -7.15 -10.18 -37.39
CA LYS A 86 -6.26 -9.49 -38.32
C LYS A 86 -7.11 -8.81 -39.37
N GLN A 87 -6.86 -7.53 -39.61
CA GLN A 87 -7.63 -6.76 -40.57
C GLN A 87 -6.68 -5.92 -41.40
N ALA A 88 -7.20 -5.42 -42.53
CA ALA A 88 -6.44 -4.46 -43.32
C ALA A 88 -6.11 -3.24 -42.46
N CYS A 89 -4.87 -2.78 -42.55
CA CYS A 89 -4.37 -1.68 -41.72
C CYS A 89 -3.89 -0.53 -42.60
N PRO A 90 -4.80 0.20 -43.23
CA PRO A 90 -4.39 1.37 -44.02
C PRO A 90 -3.97 2.51 -43.10
N LYS A 91 -3.24 3.45 -43.68
CA LYS A 91 -2.97 4.69 -42.96
C LYS A 91 -4.25 5.53 -42.88
N ILE A 92 -4.29 6.41 -41.87
CA ILE A 92 -5.45 7.25 -41.64
C ILE A 92 -5.00 8.70 -41.48
N SER A 93 -5.95 9.61 -41.72
CA SER A 93 -5.78 11.01 -41.35
C SER A 93 -6.28 11.19 -39.92
N PHE A 94 -5.61 12.06 -39.17
CA PHE A 94 -5.86 12.13 -37.73
C PHE A 94 -5.50 13.51 -37.21
N ASP A 95 -6.49 14.26 -36.70
CA ASP A 95 -6.28 15.55 -36.03
C ASP A 95 -7.50 15.88 -35.18
N PRO A 96 -7.39 15.82 -33.85
CA PRO A 96 -8.58 16.00 -33.00
C PRO A 96 -9.30 17.32 -33.30
N ILE A 97 -10.62 17.28 -33.16
CA ILE A 97 -11.46 18.46 -33.39
C ILE A 97 -12.22 18.77 -32.10
N PRO A 98 -12.57 20.03 -31.84
CA PRO A 98 -13.25 20.34 -30.58
C PRO A 98 -14.66 19.79 -30.56
N ILE A 99 -15.04 19.22 -29.42
CA ILE A 99 -16.35 18.61 -29.22
C ILE A 99 -17.04 19.30 -28.06
N HIS A 100 -18.31 19.62 -28.23
CA HIS A 100 -19.15 20.13 -27.16
C HIS A 100 -20.10 19.04 -26.66
N TYR A 101 -20.51 19.12 -25.38
CA TYR A 101 -21.41 18.16 -24.76
C TYR A 101 -22.70 18.84 -24.36
N CYS A 102 -23.74 18.60 -25.14
CA CYS A 102 -25.08 19.11 -24.93
C CYS A 102 -25.93 18.23 -24.05
N THR A 103 -26.80 18.91 -23.24
CA THR A 103 -27.83 18.26 -22.43
C THR A 103 -29.09 18.01 -23.25
N PRO A 104 -29.87 16.99 -22.88
CA PRO A 104 -31.14 16.76 -23.57
C PRO A 104 -32.21 17.71 -23.07
N ALA A 105 -33.48 17.34 -23.26
CA ALA A 105 -34.60 18.17 -22.85
C ALA A 105 -34.95 17.89 -21.40
N GLY A 106 -35.18 18.96 -20.63
CA GLY A 106 -35.46 18.84 -19.23
C GLY A 106 -34.25 18.86 -18.32
N TYR A 107 -33.07 19.16 -18.85
CA TYR A 107 -31.85 19.30 -18.07
C TYR A 107 -31.09 20.50 -18.61
N VAL A 108 -30.07 20.95 -17.86
CA VAL A 108 -29.20 22.03 -18.33
C VAL A 108 -27.87 21.96 -17.60
N ILE A 109 -26.80 22.48 -18.24
CA ILE A 109 -25.45 22.41 -17.67
C ILE A 109 -25.17 23.71 -16.91
N LEU A 110 -24.58 23.58 -15.74
CA LEU A 110 -24.11 24.72 -14.97
C LEU A 110 -22.59 24.81 -15.06
N LYS A 111 -22.11 26.05 -14.99
CA LYS A 111 -20.72 26.40 -15.29
C LYS A 111 -20.14 27.18 -14.12
N CYS A 112 -19.11 26.61 -13.49
CA CYS A 112 -18.38 27.33 -12.46
C CYS A 112 -17.39 28.29 -13.11
N ASN A 113 -17.46 29.56 -12.73
CA ASN A 113 -16.61 30.59 -13.30
C ASN A 113 -15.68 31.21 -12.27
N ASP A 114 -15.64 30.70 -11.05
CA ASP A 114 -14.71 31.20 -10.04
C ASP A 114 -13.28 31.04 -10.56
N LYS A 115 -12.65 32.17 -10.88
CA LYS A 115 -11.41 32.23 -11.62
C LYS A 115 -10.38 31.22 -11.14
N ASN A 116 -10.35 30.98 -9.82
CA ASN A 116 -9.37 30.11 -9.17
C ASN A 116 -10.04 28.87 -8.56
N PHE A 117 -11.06 28.37 -9.24
CA PHE A 117 -11.77 27.19 -8.77
C PHE A 117 -10.92 25.94 -8.88
N ASN A 118 -11.05 25.09 -7.87
CA ASN A 118 -10.19 23.93 -7.69
C ASN A 118 -10.92 22.65 -8.04
N GLY A 119 -12.21 22.75 -8.49
CA GLY A 119 -13.00 21.64 -9.00
C GLY A 119 -13.94 21.01 -8.00
N THR A 120 -13.75 21.27 -6.70
CA THR A 120 -14.51 20.56 -5.67
C THR A 120 -15.30 21.49 -4.75
N GLY A 121 -14.82 22.71 -4.53
CA GLY A 121 -15.47 23.60 -3.59
C GLY A 121 -16.81 24.14 -4.09
N PRO A 122 -17.40 25.07 -3.34
CA PRO A 122 -18.54 25.83 -3.86
C PRO A 122 -18.09 26.92 -4.83
N CYS A 123 -19.08 27.51 -5.49
CA CYS A 123 -18.84 28.37 -6.65
C CYS A 123 -19.65 29.66 -6.53
N LYS A 124 -19.02 30.78 -6.91
CA LYS A 124 -19.62 32.11 -6.73
C LYS A 124 -20.49 32.52 -7.91
N ASN A 125 -19.89 32.79 -9.07
CA ASN A 125 -20.63 33.22 -10.26
C ASN A 125 -20.91 31.98 -11.12
N VAL A 126 -22.07 31.39 -10.93
CA VAL A 126 -22.49 30.19 -11.65
C VAL A 126 -23.26 30.61 -12.89
N SER A 127 -23.02 29.92 -14.00
CA SER A 127 -23.70 30.21 -15.26
C SER A 127 -24.48 28.99 -15.73
N SER A 128 -25.40 29.21 -16.66
CA SER A 128 -26.20 28.15 -17.27
C SER A 128 -25.95 28.12 -18.77
N VAL A 129 -25.59 26.94 -19.29
CA VAL A 129 -25.34 26.74 -20.70
C VAL A 129 -26.00 25.44 -21.17
N GLN A 130 -26.14 25.35 -22.49
CA GLN A 130 -26.75 24.25 -23.22
C GLN A 130 -25.77 23.13 -23.46
N CYS A 131 -24.57 23.53 -23.83
CA CYS A 131 -23.44 22.69 -24.19
C CYS A 131 -22.19 23.15 -23.46
N THR A 132 -21.17 22.31 -23.51
CA THR A 132 -19.87 22.70 -23.00
C THR A 132 -19.15 23.47 -24.09
N HIS A 133 -17.89 23.82 -23.85
CA HIS A 133 -17.10 24.41 -24.90
C HIS A 133 -16.50 23.29 -25.75
N GLY A 134 -15.81 23.68 -26.82
CA GLY A 134 -15.16 22.70 -27.68
C GLY A 134 -14.01 21.98 -27.00
N ILE A 135 -14.27 20.76 -26.55
CA ILE A 135 -13.27 19.96 -25.84
C ILE A 135 -12.60 19.02 -26.83
N LYS A 136 -11.27 19.09 -26.90
CA LYS A 136 -10.53 18.25 -27.84
C LYS A 136 -10.22 16.92 -27.17
N PRO A 137 -10.60 15.78 -27.77
CA PRO A 137 -10.41 14.46 -27.14
C PRO A 137 -9.05 13.86 -27.50
N VAL A 138 -7.99 14.41 -26.92
CA VAL A 138 -6.63 14.01 -27.24
C VAL A 138 -6.09 13.17 -26.11
N VAL A 139 -5.97 11.86 -26.35
CA VAL A 139 -5.37 10.99 -25.34
C VAL A 139 -3.87 11.21 -25.36
N SER A 140 -3.29 11.30 -24.17
CA SER A 140 -1.86 11.49 -23.97
C SER A 140 -1.58 11.20 -22.50
N THR A 141 -0.32 10.99 -22.19
CA THR A 141 0.08 10.64 -20.84
C THR A 141 1.05 11.69 -20.31
N GLN A 142 1.10 11.81 -18.98
CA GLN A 142 1.99 12.75 -18.30
C GLN A 142 1.67 14.20 -18.65
N LEU A 143 1.73 14.54 -19.93
CA LEU A 143 1.39 15.88 -20.38
C LEU A 143 -0.06 15.94 -20.83
N LEU A 144 -0.72 17.06 -20.56
CA LEU A 144 -2.03 17.37 -21.11
C LEU A 144 -1.82 18.40 -22.21
N LEU A 145 -2.33 18.11 -23.40
CA LEU A 145 -2.01 18.90 -24.59
C LEU A 145 -3.27 19.48 -25.23
N ASN A 146 -3.09 20.65 -25.84
CA ASN A 146 -4.11 21.30 -26.66
C ASN A 146 -5.40 21.58 -25.89
N GLY A 147 -5.30 21.73 -24.58
CA GLY A 147 -6.43 22.08 -23.74
C GLY A 147 -6.52 23.58 -23.49
N SER A 148 -7.19 23.93 -22.40
CA SER A 148 -7.38 25.32 -22.01
C SER A 148 -6.50 25.66 -20.80
N LEU A 149 -6.26 26.95 -20.62
CA LEU A 149 -5.35 27.45 -19.59
C LEU A 149 -6.14 28.03 -18.42
N ALA A 150 -5.51 28.02 -17.25
CA ALA A 150 -6.12 28.61 -16.08
C ALA A 150 -6.18 30.13 -16.24
N GLU A 151 -7.28 30.72 -15.76
CA GLU A 151 -7.51 32.14 -15.98
C GLU A 151 -6.46 33.00 -15.27
N GLU A 152 -6.37 32.86 -13.95
CA GLU A 152 -5.50 33.72 -13.16
C GLU A 152 -4.25 33.00 -12.70
N GLU A 153 -4.38 32.16 -11.68
CA GLU A 153 -3.28 31.47 -11.00
C GLU A 153 -3.13 30.06 -11.56
N ILE A 154 -1.94 29.48 -11.35
CA ILE A 154 -1.79 28.04 -11.54
C ILE A 154 -2.65 27.33 -10.51
N ILE A 155 -3.36 26.29 -10.92
CA ILE A 155 -4.27 25.63 -9.98
C ILE A 155 -3.95 24.14 -9.88
N ILE A 156 -4.07 23.63 -8.66
CA ILE A 156 -3.64 22.31 -8.24
C ILE A 156 -4.90 21.56 -7.81
N ARG A 157 -5.23 20.47 -8.50
CA ARG A 157 -6.50 19.79 -8.32
C ARG A 157 -6.30 18.33 -7.95
N SER A 158 -6.97 17.90 -6.88
CA SER A 158 -7.03 16.49 -6.51
C SER A 158 -8.27 16.25 -5.65
N GLU A 159 -8.50 14.98 -5.29
CA GLU A 159 -9.61 14.64 -4.41
C GLU A 159 -9.21 14.96 -2.97
N ASN A 160 -8.19 14.28 -2.45
CA ASN A 160 -7.32 14.85 -1.44
C ASN A 160 -5.87 14.74 -1.86
N LEU A 161 -5.09 15.76 -1.48
CA LEU A 161 -3.65 15.78 -1.69
C LEU A 161 -2.90 14.93 -0.66
N THR A 162 -3.54 14.54 0.43
CA THR A 162 -2.92 13.68 1.43
C THR A 162 -3.12 12.20 1.13
N ASN A 163 -3.94 11.87 0.13
CA ASN A 163 -4.01 10.53 -0.42
C ASN A 163 -3.06 10.45 -1.61
N ASN A 164 -2.16 9.45 -1.60
CA ASN A 164 -1.20 9.29 -2.68
C ASN A 164 -1.72 8.39 -3.80
N ALA A 165 -2.77 7.63 -3.55
CA ALA A 165 -3.30 6.79 -4.61
C ALA A 165 -4.21 7.56 -5.55
N LYS A 166 -4.47 8.84 -5.27
CA LYS A 166 -5.38 9.68 -6.07
C LYS A 166 -4.57 10.73 -6.85
N THR A 167 -4.85 10.81 -8.16
CA THR A 167 -4.08 11.63 -9.09
C THR A 167 -4.15 13.12 -8.75
N ILE A 168 -3.10 13.87 -9.15
CA ILE A 168 -3.13 15.32 -9.04
C ILE A 168 -2.94 15.94 -10.43
N ILE A 169 -3.78 16.92 -10.75
CA ILE A 169 -3.74 17.65 -12.03
C ILE A 169 -3.24 19.06 -11.74
N VAL A 170 -2.31 19.56 -12.55
CA VAL A 170 -1.88 20.95 -12.46
C VAL A 170 -2.25 21.66 -13.76
N HIS A 171 -2.93 22.79 -13.62
CA HIS A 171 -3.44 23.63 -14.71
C HIS A 171 -2.62 24.91 -14.75
N LEU A 172 -2.01 25.21 -15.90
CA LEU A 172 -1.01 26.27 -16.03
C LEU A 172 -1.63 27.61 -16.39
N ASN A 173 -0.96 28.72 -16.01
CA ASN A 173 -1.41 29.99 -16.60
C ASN A 173 -0.95 30.16 -18.04
N LYS A 174 0.06 29.42 -18.46
CA LYS A 174 0.79 29.81 -19.67
C LYS A 174 1.20 28.53 -20.39
N SER A 175 0.67 28.33 -21.59
CA SER A 175 0.98 27.14 -22.36
C SER A 175 2.46 27.12 -22.72
N VAL A 176 3.00 25.92 -22.89
CA VAL A 176 4.39 25.79 -23.34
C VAL A 176 4.42 24.91 -24.58
N GLU A 177 4.94 25.45 -25.68
CA GLU A 177 5.00 24.68 -26.90
C GLU A 177 5.89 23.45 -26.73
N ILE A 178 5.38 22.30 -27.13
CA ILE A 178 6.21 21.13 -27.40
C ILE A 178 6.10 20.87 -28.90
N ASN A 179 7.21 21.01 -29.59
CA ASN A 179 7.29 20.92 -31.04
C ASN A 179 7.92 19.57 -31.36
N CYS A 180 7.10 18.57 -31.64
CA CYS A 180 7.59 17.24 -31.92
C CYS A 180 7.74 17.07 -33.42
N THR A 181 8.79 16.35 -33.82
CA THR A 181 9.11 16.23 -35.24
C THR A 181 9.82 14.92 -35.51
N ARG A 182 9.38 14.23 -36.56
CA ARG A 182 10.12 13.16 -37.21
C ARG A 182 10.58 13.70 -38.55
N PRO A 183 11.88 13.85 -38.78
CA PRO A 183 12.35 14.47 -40.02
C PRO A 183 12.31 13.51 -41.20
N SER A 184 12.39 14.10 -42.39
CA SER A 184 12.39 13.33 -43.63
C SER A 184 13.74 12.64 -43.86
N ASP A 193 15.58 4.10 -37.00
CA ASP A 193 15.93 4.99 -38.12
C ASP A 193 14.71 5.78 -38.57
N ILE A 194 13.76 5.11 -39.23
CA ILE A 194 12.53 5.78 -39.64
C ILE A 194 11.58 6.01 -38.47
N ARG A 195 11.90 5.48 -37.29
CA ARG A 195 11.09 5.63 -36.09
C ARG A 195 11.63 6.63 -35.09
N LYS A 196 12.92 6.95 -35.16
CA LYS A 196 13.51 7.92 -34.23
C LYS A 196 12.97 9.31 -34.53
N ALA A 197 12.40 9.95 -33.52
CA ALA A 197 11.91 11.32 -33.64
C ALA A 197 12.34 12.08 -32.39
N TYR A 198 11.91 13.34 -32.29
CA TYR A 198 12.30 14.09 -31.10
C TYR A 198 11.33 15.23 -30.87
N CYS A 199 11.02 15.47 -29.60
CA CYS A 199 10.14 16.56 -29.17
C CYS A 199 10.99 17.68 -28.59
N GLU A 200 10.72 18.93 -28.95
CA GLU A 200 11.53 20.04 -28.45
C GLU A 200 10.71 21.03 -27.64
N ILE A 201 11.31 21.55 -26.56
CA ILE A 201 10.68 22.50 -25.67
C ILE A 201 11.67 23.61 -25.37
N ASN A 202 11.20 24.86 -25.40
CA ASN A 202 12.00 26.00 -24.95
C ASN A 202 12.33 25.81 -23.48
N GLY A 203 13.59 25.51 -23.17
CA GLY A 203 13.96 25.12 -21.82
C GLY A 203 13.75 26.22 -20.80
N THR A 204 14.06 27.47 -21.18
CA THR A 204 13.86 28.59 -20.26
C THR A 204 12.39 28.72 -19.86
N LYS A 205 11.51 28.78 -20.85
CA LYS A 205 10.06 28.80 -20.63
C LYS A 205 9.64 27.70 -19.66
N TRP A 206 9.92 26.45 -20.04
CA TRP A 206 9.43 25.30 -19.30
C TRP A 206 9.97 25.28 -17.88
N ASN A 207 11.23 25.69 -17.69
CA ASN A 207 11.81 25.62 -16.36
C ASN A 207 11.31 26.74 -15.45
N LYS A 208 11.05 27.94 -16.00
CA LYS A 208 10.34 28.95 -15.23
C LYS A 208 8.98 28.42 -14.81
N VAL A 209 8.23 27.82 -15.75
CA VAL A 209 6.92 27.29 -15.43
C VAL A 209 7.01 26.24 -14.32
N LEU A 210 8.03 25.38 -14.38
CA LEU A 210 8.17 24.33 -13.39
C LEU A 210 8.54 24.89 -12.03
N LYS A 211 9.33 25.98 -11.98
CA LYS A 211 9.58 26.60 -10.69
C LYS A 211 8.28 27.15 -10.10
N GLN A 212 7.44 27.77 -10.93
CA GLN A 212 6.16 28.27 -10.44
C GLN A 212 5.28 27.12 -9.91
N VAL A 213 5.30 25.97 -10.59
CA VAL A 213 4.53 24.83 -10.13
C VAL A 213 5.09 24.29 -8.81
N THR A 214 6.43 24.32 -8.66
CA THR A 214 7.01 23.93 -7.38
C THR A 214 6.55 24.85 -6.26
N GLU A 215 6.48 26.15 -6.53
CA GLU A 215 6.09 27.09 -5.49
C GLU A 215 4.65 26.85 -5.06
N LYS A 216 3.75 26.60 -6.02
CA LYS A 216 2.37 26.24 -5.64
C LYS A 216 2.33 24.95 -4.82
N LEU A 217 3.07 23.93 -5.26
CA LEU A 217 3.04 22.65 -4.56
C LEU A 217 3.57 22.78 -3.14
N LYS A 218 4.58 23.63 -2.94
CA LYS A 218 5.03 23.92 -1.58
C LYS A 218 3.97 24.68 -0.79
N GLU A 219 3.20 25.54 -1.47
CA GLU A 219 2.09 26.22 -0.80
C GLU A 219 1.12 25.23 -0.18
N HIS A 220 0.79 24.15 -0.90
CA HIS A 220 -0.21 23.24 -0.36
C HIS A 220 0.36 22.10 0.50
N PHE A 221 1.68 21.96 0.59
CA PHE A 221 2.28 20.88 1.38
C PHE A 221 3.16 21.43 2.49
N ASN A 222 2.71 22.50 3.16
CA ASN A 222 3.36 23.05 4.35
C ASN A 222 4.79 23.49 4.07
N ASN A 223 4.94 24.37 3.06
CA ASN A 223 6.22 25.04 2.77
C ASN A 223 7.34 24.03 2.49
N LYS A 224 7.08 22.75 2.78
CA LYS A 224 7.99 21.64 2.54
C LYS A 224 8.62 21.70 1.15
N THR A 225 9.86 21.20 1.04
CA THR A 225 10.54 21.16 -0.24
C THR A 225 10.04 19.98 -1.07
N ILE A 226 9.99 20.16 -2.40
CA ILE A 226 9.49 19.14 -3.31
C ILE A 226 10.47 18.91 -4.44
N ILE A 227 10.49 17.67 -4.95
CA ILE A 227 11.41 17.26 -6.00
C ILE A 227 10.67 16.38 -6.99
N PHE A 228 11.19 16.34 -8.22
CA PHE A 228 10.61 15.55 -9.29
C PHE A 228 11.48 14.34 -9.59
N GLN A 229 10.84 13.27 -10.05
CA GLN A 229 11.49 11.99 -10.31
C GLN A 229 10.80 11.33 -11.49
N PRO A 230 11.51 10.53 -12.27
CA PRO A 230 10.86 9.79 -13.37
C PRO A 230 9.89 8.76 -12.81
N PRO A 231 8.93 8.30 -13.61
CA PRO A 231 8.02 7.25 -13.13
C PRO A 231 8.80 5.99 -12.76
N SER A 232 8.27 5.25 -11.80
CA SER A 232 9.00 4.16 -11.16
C SER A 232 8.89 2.85 -11.92
N GLY A 233 7.68 2.44 -12.30
CA GLY A 233 7.49 1.17 -12.95
C GLY A 233 6.33 1.19 -13.91
N GLY A 234 6.12 0.06 -14.59
CA GLY A 234 5.01 -0.10 -15.49
C GLY A 234 5.41 0.00 -16.95
N ASP A 235 4.39 -0.06 -17.80
CA ASP A 235 4.57 -0.16 -19.24
C ASP A 235 4.91 1.21 -19.84
N LEU A 236 5.34 1.16 -21.11
CA LEU A 236 5.92 2.34 -21.76
C LEU A 236 4.98 3.54 -21.77
N GLU A 237 3.67 3.31 -21.87
CA GLU A 237 2.74 4.42 -21.99
C GLU A 237 2.64 5.23 -20.70
N ILE A 238 3.04 4.67 -19.57
CA ILE A 238 3.15 5.45 -18.34
C ILE A 238 4.55 6.04 -18.19
N THR A 239 5.58 5.20 -18.33
CA THR A 239 6.94 5.64 -18.04
C THR A 239 7.35 6.81 -18.93
N MET A 240 6.85 6.87 -20.15
CA MET A 240 7.20 7.92 -21.08
C MET A 240 5.93 8.64 -21.55
N HIS A 241 6.12 9.84 -22.07
CA HIS A 241 5.01 10.62 -22.59
C HIS A 241 4.59 10.00 -23.92
N SER A 242 3.39 9.43 -23.97
CA SER A 242 2.89 8.78 -25.16
C SER A 242 1.74 9.59 -25.75
N PHE A 243 1.67 9.64 -27.07
CA PHE A 243 0.58 10.33 -27.75
C PHE A 243 0.51 9.83 -29.19
N ASN A 244 -0.46 10.34 -29.94
CA ASN A 244 -0.66 9.94 -31.33
C ASN A 244 -0.57 11.16 -32.24
N CYS A 245 0.42 11.16 -33.12
CA CYS A 245 0.60 12.18 -34.14
C CYS A 245 0.34 11.58 -35.52
N ARG A 246 -0.75 12.02 -36.15
CA ARG A 246 -1.16 11.58 -37.49
C ARG A 246 -1.02 10.08 -37.66
N GLY A 247 -1.69 9.31 -36.79
CA GLY A 247 -1.72 7.87 -36.92
C GLY A 247 -0.51 7.16 -36.37
N GLU A 248 0.61 7.84 -36.20
CA GLU A 248 1.78 7.22 -35.61
C GLU A 248 1.77 7.43 -34.10
N PHE A 249 2.39 6.50 -33.38
CA PHE A 249 2.35 6.50 -31.92
C PHE A 249 3.72 6.91 -31.37
N PHE A 250 3.76 8.11 -30.80
CA PHE A 250 4.99 8.70 -30.27
C PHE A 250 5.15 8.34 -28.79
N TYR A 251 6.39 8.01 -28.42
CA TYR A 251 6.78 7.74 -27.05
C TYR A 251 8.05 8.55 -26.76
N CYS A 252 7.98 9.47 -25.81
CA CYS A 252 9.05 10.44 -25.57
C CYS A 252 9.59 10.33 -24.14
N ASN A 253 10.90 10.33 -23.99
CA ASN A 253 11.43 10.23 -22.64
C ASN A 253 11.45 11.64 -22.06
N THR A 254 10.65 11.83 -21.00
CA THR A 254 10.35 13.14 -20.47
C THR A 254 11.25 13.55 -19.28
N THR A 255 12.29 12.78 -18.98
CA THR A 255 13.06 13.04 -17.76
C THR A 255 13.76 14.39 -17.78
N GLN A 256 14.12 14.90 -18.96
CA GLN A 256 14.80 16.20 -18.98
C GLN A 256 13.85 17.35 -18.66
N LEU A 257 12.54 17.11 -18.63
CA LEU A 257 11.60 18.16 -18.25
C LEU A 257 11.47 18.28 -16.74
N PHE A 258 11.67 17.19 -16.01
CA PHE A 258 11.56 17.20 -14.56
C PHE A 258 12.97 17.13 -13.98
N ASN A 259 13.71 18.21 -14.23
CA ASN A 259 15.14 18.30 -13.97
C ASN A 259 15.36 19.24 -12.78
N ASN A 260 15.47 18.68 -11.58
CA ASN A 260 15.50 19.52 -10.38
C ASN A 260 16.78 20.36 -10.30
N THR A 261 17.91 19.81 -10.73
CA THR A 261 19.15 20.59 -10.78
C THR A 261 18.97 21.90 -11.53
N CYS A 262 18.12 21.92 -12.57
CA CYS A 262 17.88 23.13 -13.34
C CYS A 262 16.42 23.55 -13.14
N ILE A 263 16.17 24.21 -12.00
CA ILE A 263 14.85 24.72 -11.67
C ILE A 263 14.55 26.00 -12.45
N CYS A 271 20.63 24.03 -18.01
CA CYS A 271 19.60 24.19 -19.03
C CYS A 271 19.08 25.64 -19.02
N ASN A 272 19.05 26.24 -20.20
CA ASN A 272 18.50 27.59 -20.38
C ASN A 272 18.27 27.86 -21.86
N GLY A 273 18.05 26.80 -22.63
CA GLY A 273 17.82 26.92 -24.05
C GLY A 273 16.77 25.96 -24.56
N THR A 274 17.20 24.90 -25.25
CA THR A 274 16.31 23.97 -25.91
C THR A 274 16.49 22.58 -25.31
N ILE A 275 15.41 22.02 -24.78
CA ILE A 275 15.37 20.62 -24.37
C ILE A 275 14.83 19.81 -25.54
N THR A 276 15.50 18.72 -25.89
CA THR A 276 14.96 17.79 -26.89
C THR A 276 14.83 16.40 -26.28
N LEU A 277 13.61 15.87 -26.32
CA LEU A 277 13.27 14.57 -25.79
C LEU A 277 13.43 13.54 -26.88
N PRO A 278 14.19 12.46 -26.64
CA PRO A 278 14.27 11.36 -27.62
C PRO A 278 12.94 10.63 -27.73
N CYS A 279 12.23 10.82 -28.83
CA CYS A 279 10.97 10.12 -29.04
C CYS A 279 11.18 8.97 -30.02
N LYS A 280 10.25 8.04 -29.97
CA LYS A 280 10.26 6.89 -30.88
C LYS A 280 8.85 6.63 -31.35
N ILE A 281 8.73 6.21 -32.60
CA ILE A 281 7.46 5.71 -33.13
C ILE A 281 7.43 4.20 -32.95
N LYS A 282 6.32 3.67 -32.47
CA LYS A 282 6.24 2.27 -32.10
C LYS A 282 5.22 1.52 -32.94
N GLN A 283 5.61 0.31 -33.34
CA GLN A 283 4.77 -0.55 -34.16
C GLN A 283 3.69 -1.25 -33.33
N ILE A 284 4.10 -1.96 -32.28
CA ILE A 284 3.18 -2.65 -31.36
C ILE A 284 2.93 -1.76 -30.15
N ILE A 285 1.67 -1.59 -29.78
CA ILE A 285 1.29 -0.80 -28.61
C ILE A 285 0.29 -1.59 -27.79
N ASN A 286 0.08 -1.13 -26.55
CA ASN A 286 -1.01 -1.61 -25.72
C ASN A 286 -2.15 -0.60 -25.78
N MET A 287 -3.34 -1.07 -26.11
CA MET A 287 -4.48 -0.17 -26.24
C MET A 287 -4.83 0.43 -24.88
N TRP A 288 -5.02 1.76 -24.86
CA TRP A 288 -5.33 2.46 -23.61
C TRP A 288 -6.71 2.15 -23.08
N GLN A 289 -7.54 1.46 -23.87
CA GLN A 289 -8.84 0.99 -23.40
C GLN A 289 -8.74 -0.25 -22.51
N GLY A 290 -7.55 -0.56 -21.99
CA GLY A 290 -7.29 -1.77 -21.24
C GLY A 290 -7.45 -3.04 -22.03
N THR A 291 -7.71 -2.93 -23.34
CA THR A 291 -8.30 -4.03 -24.11
C THR A 291 -7.29 -5.13 -24.39
N GLY A 292 -6.12 -4.77 -24.94
CA GLY A 292 -5.08 -5.74 -25.25
C GLY A 292 -3.89 -5.06 -25.87
N GLN A 293 -3.29 -5.65 -26.91
CA GLN A 293 -2.26 -4.96 -27.68
C GLN A 293 -2.57 -5.05 -29.17
N ALA A 294 -2.09 -4.07 -29.92
CA ALA A 294 -2.36 -3.94 -31.34
C ALA A 294 -1.08 -3.64 -32.10
N MET A 295 -1.03 -4.10 -33.35
CA MET A 295 0.12 -3.94 -34.23
C MET A 295 -0.22 -2.98 -35.37
N TYR A 296 0.66 -2.01 -35.62
CA TYR A 296 0.48 -1.05 -36.68
C TYR A 296 1.45 -1.30 -37.83
N ALA A 297 1.26 -0.56 -38.89
CA ALA A 297 2.07 -0.52 -40.09
C ALA A 297 3.18 0.50 -39.94
N PRO A 298 4.30 0.29 -40.66
CA PRO A 298 5.42 1.22 -40.52
C PRO A 298 5.02 2.63 -40.91
N PRO A 299 5.68 3.63 -40.34
CA PRO A 299 5.18 5.01 -40.44
C PRO A 299 5.27 5.55 -41.87
N ILE A 300 4.55 6.64 -42.09
CA ILE A 300 4.51 7.31 -43.39
C ILE A 300 5.85 7.98 -43.65
N ASP A 301 6.02 8.51 -44.86
CA ASP A 301 7.23 9.22 -45.24
C ASP A 301 7.04 10.72 -45.11
N GLY A 302 8.15 11.45 -45.08
CA GLY A 302 8.14 12.89 -45.02
C GLY A 302 8.38 13.41 -43.61
N LYS A 303 8.16 14.71 -43.46
CA LYS A 303 8.29 15.38 -42.17
C LYS A 303 6.98 15.23 -41.40
N ILE A 304 7.01 14.42 -40.35
CA ILE A 304 5.83 14.25 -39.48
C ILE A 304 5.95 15.26 -38.35
N ASN A 305 5.13 16.30 -38.39
CA ASN A 305 5.22 17.40 -37.42
C ASN A 305 4.04 17.39 -36.47
N CYS A 306 4.25 17.97 -35.29
CA CYS A 306 3.20 18.07 -34.27
C CYS A 306 3.60 19.16 -33.27
N VAL A 307 3.17 20.38 -33.53
CA VAL A 307 3.35 21.47 -32.57
C VAL A 307 2.12 21.49 -31.67
N SER A 308 2.32 21.26 -30.37
CA SER A 308 1.22 21.20 -29.43
C SER A 308 1.48 22.15 -28.27
N ASN A 309 0.40 22.58 -27.63
CA ASN A 309 0.49 23.33 -26.39
C ASN A 309 0.47 22.36 -25.22
N ILE A 310 1.46 22.46 -24.34
CA ILE A 310 1.37 21.84 -23.03
C ILE A 310 0.55 22.77 -22.14
N THR A 311 -0.66 22.30 -21.75
CA THR A 311 -1.58 23.04 -20.91
C THR A 311 -2.14 22.15 -19.80
N GLY A 312 -1.36 21.18 -19.33
CA GLY A 312 -1.67 20.45 -18.12
C GLY A 312 -0.63 19.40 -17.79
N ILE A 313 -0.39 19.14 -16.50
CA ILE A 313 0.48 18.04 -16.10
C ILE A 313 -0.27 17.18 -15.09
N LEU A 314 0.04 15.88 -15.08
CA LEU A 314 -0.53 14.94 -14.13
C LEU A 314 0.58 14.32 -13.31
N LEU A 315 0.43 14.37 -11.99
CA LEU A 315 1.44 13.88 -11.07
C LEU A 315 0.85 12.84 -10.12
N THR A 316 1.74 11.99 -9.63
CA THR A 316 1.46 11.04 -8.57
C THR A 316 2.53 11.20 -7.50
N ARG A 317 2.10 11.38 -6.27
CA ARG A 317 3.01 11.69 -5.17
C ARG A 317 3.46 10.40 -4.49
N ASP A 318 4.76 10.32 -4.20
CA ASP A 318 5.32 9.12 -3.59
C ASP A 318 4.75 8.95 -2.19
N GLY A 319 4.06 7.81 -1.98
CA GLY A 319 3.51 7.49 -0.69
C GLY A 319 4.57 7.28 0.37
N GLY A 320 4.11 7.24 1.61
CA GLY A 320 5.06 7.25 2.70
C GLY A 320 5.75 8.61 2.76
N ALA A 321 6.91 8.63 3.40
CA ALA A 321 7.75 9.83 3.48
C ALA A 321 7.00 11.00 4.10
N ASN A 322 6.01 10.71 4.94
CA ASN A 322 5.46 11.71 5.85
C ASN A 322 6.45 12.06 6.94
N ASN A 323 7.46 11.20 7.14
CA ASN A 323 8.58 11.51 8.03
C ASN A 323 9.53 12.52 7.38
N THR A 324 9.86 12.30 6.11
CA THR A 324 10.86 13.14 5.44
C THR A 324 10.36 14.58 5.33
N SER A 325 11.32 15.50 5.24
CA SER A 325 11.03 16.91 5.05
C SER A 325 10.91 17.28 3.58
N ASN A 326 10.70 16.31 2.69
CA ASN A 326 10.48 16.60 1.28
C ASN A 326 9.49 15.60 0.69
N GLU A 327 8.84 16.02 -0.40
CA GLU A 327 7.86 15.21 -1.12
C GLU A 327 8.25 15.13 -2.59
N THR A 328 8.21 13.92 -3.15
CA THR A 328 8.58 13.71 -4.55
C THR A 328 7.33 13.50 -5.39
N PHE A 329 7.43 13.86 -6.68
CA PHE A 329 6.30 13.81 -7.60
C PHE A 329 6.75 13.20 -8.92
N ARG A 330 5.99 12.21 -9.42
CA ARG A 330 6.35 11.65 -10.72
C ARG A 330 5.23 11.86 -11.73
N PRO A 331 5.56 12.06 -13.00
CA PRO A 331 4.52 12.28 -14.00
C PRO A 331 3.78 11.00 -14.33
N GLY A 332 2.50 11.16 -14.65
CA GLY A 332 1.65 10.03 -14.96
C GLY A 332 0.62 9.79 -13.90
N GLY A 333 -0.65 9.79 -14.29
CA GLY A 333 -1.71 9.61 -13.33
C GLY A 333 -2.85 8.74 -13.81
N GLY A 334 -2.71 7.43 -13.65
CA GLY A 334 -3.83 6.54 -13.88
C GLY A 334 -4.22 6.47 -15.35
N ASN A 335 -5.51 6.50 -15.60
CA ASN A 335 -6.07 6.22 -16.90
C ASN A 335 -6.75 7.46 -17.47
N ILE A 336 -6.81 7.51 -18.81
CA ILE A 336 -7.02 8.74 -19.56
C ILE A 336 -8.34 9.43 -19.22
N LYS A 337 -9.24 8.75 -18.50
CA LYS A 337 -10.47 9.39 -18.04
C LYS A 337 -10.21 10.75 -17.41
N ASP A 338 -9.15 10.85 -16.61
CA ASP A 338 -8.87 12.09 -15.87
C ASP A 338 -8.49 13.23 -16.81
N ASN A 339 -7.89 12.94 -17.97
CA ASN A 339 -7.68 13.98 -18.96
C ASN A 339 -8.97 14.76 -19.21
N TRP A 340 -10.09 14.04 -19.36
CA TRP A 340 -11.36 14.71 -19.59
C TRP A 340 -11.70 15.62 -18.42
N ARG A 341 -11.47 15.15 -17.20
CA ARG A 341 -11.64 15.99 -16.02
C ARG A 341 -10.95 17.34 -16.21
N SER A 342 -9.71 17.32 -16.71
CA SER A 342 -8.91 18.51 -16.95
C SER A 342 -9.72 19.64 -17.58
N GLU A 343 -10.64 19.30 -18.48
CA GLU A 343 -11.51 20.30 -19.10
C GLU A 343 -12.94 20.29 -18.58
N LEU A 344 -13.43 19.14 -18.12
CA LEU A 344 -14.82 19.03 -17.71
C LEU A 344 -15.05 19.45 -16.27
N TYR A 345 -13.99 19.90 -15.56
CA TYR A 345 -14.09 20.11 -14.13
C TYR A 345 -15.14 21.16 -13.76
N LYS A 346 -15.40 22.11 -14.66
CA LYS A 346 -16.18 23.29 -14.35
C LYS A 346 -17.64 23.17 -14.77
N TYR A 347 -18.12 21.97 -15.06
CA TYR A 347 -19.48 21.79 -15.52
C TYR A 347 -20.23 20.82 -14.62
N LYS A 348 -21.55 20.91 -14.65
CA LYS A 348 -22.40 20.16 -13.72
C LYS A 348 -23.82 20.16 -14.25
N VAL A 349 -24.30 19.00 -14.72
CA VAL A 349 -25.65 18.93 -15.27
C VAL A 349 -26.66 18.83 -14.14
N VAL A 350 -27.77 19.57 -14.27
CA VAL A 350 -28.83 19.56 -13.28
C VAL A 350 -30.17 19.42 -13.98
N GLN A 351 -31.17 18.98 -13.20
CA GLN A 351 -32.51 18.69 -13.67
C GLN A 351 -33.45 19.83 -13.32
N ILE A 352 -34.15 20.37 -14.33
CA ILE A 352 -35.10 21.45 -14.12
C ILE A 352 -36.39 20.95 -13.48
N ALA B 1 -14.94 -14.43 -5.51
CA ALA B 1 -14.14 -13.22 -5.42
C ALA B 1 -13.13 -13.30 -4.27
N ASP B 2 -11.87 -13.60 -4.61
CA ASP B 2 -10.81 -13.61 -3.61
C ASP B 2 -9.46 -13.56 -4.32
N LEU B 3 -8.42 -13.32 -3.53
CA LEU B 3 -7.05 -13.24 -4.00
C LEU B 3 -6.31 -14.47 -3.48
N VAL B 4 -5.94 -15.37 -4.39
CA VAL B 4 -5.24 -16.60 -4.05
C VAL B 4 -3.74 -16.34 -4.05
N GLN B 5 -3.09 -16.56 -2.90
CA GLN B 5 -1.67 -16.34 -2.75
C GLN B 5 -0.89 -17.65 -2.89
N SER B 6 0.38 -17.52 -3.27
CA SER B 6 1.23 -18.68 -3.45
C SER B 6 1.77 -19.19 -2.11
N GLY B 7 2.33 -20.40 -2.13
CA GLY B 7 2.68 -21.06 -0.90
C GLY B 7 3.94 -20.52 -0.24
N ALA B 8 4.09 -20.86 1.04
CA ALA B 8 5.20 -20.36 1.86
C ALA B 8 6.52 -20.95 1.39
N VAL B 9 7.61 -20.24 1.71
CA VAL B 9 8.93 -20.59 1.23
C VAL B 9 10.01 -20.09 2.19
N VAL B 10 11.20 -20.66 2.05
CA VAL B 10 12.39 -20.26 2.78
C VAL B 10 13.43 -19.79 1.77
N LYS B 11 14.29 -18.88 2.21
CA LYS B 11 15.32 -18.31 1.37
C LYS B 11 16.57 -18.07 2.21
N LYS B 12 17.66 -17.73 1.53
CA LYS B 12 18.94 -17.42 2.15
C LYS B 12 19.22 -15.93 2.07
N PRO B 13 20.12 -15.41 2.91
CA PRO B 13 20.46 -13.98 2.83
C PRO B 13 20.97 -13.61 1.44
N GLY B 14 20.86 -12.32 1.14
CA GLY B 14 20.92 -11.93 -0.26
C GLY B 14 19.69 -12.46 -0.93
N ASP B 15 19.88 -13.18 -2.05
CA ASP B 15 18.79 -13.93 -2.68
C ASP B 15 17.62 -13.04 -3.08
N SER B 16 16.59 -13.63 -3.67
CA SER B 16 15.42 -12.85 -4.05
C SER B 16 14.23 -13.80 -4.24
N VAL B 17 13.03 -13.24 -4.05
CA VAL B 17 11.82 -14.03 -4.01
C VAL B 17 10.73 -13.37 -4.87
N ARG B 18 9.90 -14.23 -5.48
CA ARG B 18 8.76 -13.86 -6.30
C ARG B 18 7.50 -14.47 -5.68
N ILE B 19 6.44 -13.68 -5.56
CA ILE B 19 5.16 -14.22 -5.08
C ILE B 19 4.01 -13.75 -5.96
N SER B 20 3.06 -14.67 -6.19
CA SER B 20 1.90 -14.46 -7.05
C SER B 20 0.70 -13.97 -6.24
N CYS B 21 -0.31 -13.48 -6.96
CA CYS B 21 -1.63 -13.27 -6.36
C CYS B 21 -2.66 -13.38 -7.49
N GLU B 22 -3.25 -14.57 -7.62
CA GLU B 22 -4.24 -14.86 -8.65
C GLU B 22 -5.58 -14.28 -8.21
N ALA B 23 -6.07 -13.29 -8.94
CA ALA B 23 -7.37 -12.70 -8.62
C ALA B 23 -8.48 -13.58 -9.19
N GLN B 24 -9.58 -13.70 -8.43
CA GLN B 24 -10.68 -14.54 -8.82
C GLN B 24 -11.99 -13.83 -8.53
N GLY B 25 -12.92 -13.89 -9.48
CA GLY B 25 -14.28 -13.48 -9.25
C GLY B 25 -14.58 -12.02 -9.47
N TYR B 26 -13.61 -11.23 -9.92
CA TYR B 26 -13.86 -9.83 -10.19
C TYR B 26 -12.98 -9.40 -11.36
N ARG B 27 -13.06 -8.12 -11.71
CA ARG B 27 -12.28 -7.60 -12.80
C ARG B 27 -10.92 -7.18 -12.25
N PHE B 28 -9.93 -8.02 -12.49
CA PHE B 28 -8.58 -7.71 -12.02
C PHE B 28 -8.05 -6.39 -12.56
N PRO B 29 -8.27 -6.01 -13.82
CA PRO B 29 -7.69 -4.75 -14.32
C PRO B 29 -8.10 -3.52 -13.55
N ASP B 30 -9.24 -3.52 -12.89
CA ASP B 30 -9.65 -2.35 -12.14
C ASP B 30 -9.33 -2.53 -10.66
N TYR B 31 -9.22 -1.40 -9.96
CA TYR B 31 -8.79 -1.37 -8.57
C TYR B 31 -7.33 -1.80 -8.43
N ILE B 32 -6.52 -0.91 -7.84
CA ILE B 32 -5.10 -1.15 -7.63
C ILE B 32 -4.93 -2.25 -6.59
N ILE B 33 -3.68 -2.58 -6.29
CA ILE B 33 -3.37 -3.67 -5.38
C ILE B 33 -2.23 -3.23 -4.49
N HIS B 34 -2.47 -3.23 -3.18
CA HIS B 34 -1.41 -2.92 -2.22
C HIS B 34 -0.76 -4.22 -1.76
N TRP B 35 0.54 -4.14 -1.51
CA TRP B 35 1.28 -5.21 -0.88
C TRP B 35 1.67 -4.77 0.52
N ILE B 36 1.33 -5.59 1.50
CA ILE B 36 1.61 -5.24 2.89
C ILE B 36 2.40 -6.36 3.55
N ARG B 37 3.12 -5.98 4.61
CA ARG B 37 4.11 -6.83 5.26
C ARG B 37 3.79 -6.93 6.74
N ARG B 38 3.84 -8.15 7.28
CA ARG B 38 3.75 -8.36 8.72
C ARG B 38 4.98 -9.14 9.15
N ALA B 39 5.88 -8.49 9.87
CA ALA B 39 7.07 -9.15 10.36
C ALA B 39 6.91 -9.56 11.82
N PRO B 40 7.48 -10.71 12.20
CA PRO B 40 7.35 -11.17 13.59
C PRO B 40 7.72 -10.10 14.60
N GLY B 41 6.75 -9.72 15.45
CA GLY B 41 7.01 -8.75 16.51
C GLY B 41 6.87 -7.30 16.10
N GLN B 42 6.25 -7.02 14.96
CA GLN B 42 6.05 -5.65 14.52
C GLN B 42 4.66 -5.51 13.91
N GLY B 43 4.18 -4.27 13.84
CA GLY B 43 2.91 -3.97 13.24
C GLY B 43 2.98 -3.94 11.72
N PRO B 44 1.83 -4.10 11.07
CA PRO B 44 1.81 -4.16 9.59
C PRO B 44 2.54 -3.01 8.94
N GLU B 45 3.19 -3.31 7.81
CA GLU B 45 4.01 -2.36 7.06
C GLU B 45 3.60 -2.39 5.59
N TRP B 46 3.11 -1.25 5.08
CA TRP B 46 2.78 -1.15 3.66
C TRP B 46 4.06 -1.12 2.82
N MET B 47 3.97 -1.68 1.61
CA MET B 47 5.11 -1.75 0.71
C MET B 47 4.89 -1.04 -0.61
N GLY B 48 3.66 -0.71 -0.96
CA GLY B 48 3.37 0.00 -2.19
C GLY B 48 2.06 -0.48 -2.82
N TRP B 49 1.50 0.36 -3.69
CA TRP B 49 0.37 -0.07 -4.50
C TRP B 49 0.75 -0.11 -5.97
N MET B 50 -0.02 -0.90 -6.71
CA MET B 50 0.26 -1.22 -8.10
C MET B 50 -1.04 -1.13 -8.87
N ASN B 51 -1.09 -0.25 -9.86
CA ASN B 51 -2.27 -0.14 -10.72
C ASN B 51 -2.17 -1.22 -11.80
N PRO B 52 -3.05 -2.22 -11.79
CA PRO B 52 -2.91 -3.34 -12.74
C PRO B 52 -3.30 -3.01 -14.16
N MET B 53 -3.87 -1.84 -14.42
CA MET B 53 -4.16 -1.46 -15.81
C MET B 53 -2.87 -1.26 -16.61
N GLY B 54 -2.06 -0.29 -16.21
CA GLY B 54 -0.81 -0.07 -16.91
C GLY B 54 0.40 -0.67 -16.23
N GLY B 55 0.28 -0.98 -14.94
CA GLY B 55 1.41 -1.46 -14.17
C GLY B 55 2.14 -0.40 -13.38
N GLN B 56 1.57 0.80 -13.29
CA GLN B 56 2.19 1.86 -12.50
C GLN B 56 2.28 1.44 -11.04
N VAL B 57 3.36 1.84 -10.38
CA VAL B 57 3.58 1.50 -8.98
C VAL B 57 3.86 2.77 -8.18
N ASN B 58 3.53 2.73 -6.90
CA ASN B 58 3.89 3.78 -5.94
C ASN B 58 4.51 3.09 -4.74
N ILE B 59 5.80 3.34 -4.51
CA ILE B 59 6.58 2.62 -3.51
C ILE B 59 7.34 3.59 -2.63
N PRO B 60 7.28 3.47 -1.30
CA PRO B 60 8.01 4.39 -0.43
C PRO B 60 9.51 4.11 -0.46
N TRP B 61 10.29 5.08 0.03
CA TRP B 61 11.74 5.02 -0.15
C TRP B 61 12.30 3.71 0.38
N LYS B 62 11.93 3.35 1.61
CA LYS B 62 12.38 2.15 2.29
C LYS B 62 12.60 0.95 1.36
N PHE B 63 11.88 0.92 0.24
CA PHE B 63 11.91 -0.23 -0.65
C PHE B 63 12.23 0.11 -2.11
N GLN B 64 12.73 1.32 -2.40
CA GLN B 64 13.09 1.63 -3.79
C GLN B 64 14.15 0.66 -4.29
N GLY B 65 14.01 0.26 -5.55
CA GLY B 65 14.98 -0.61 -6.19
C GLY B 65 14.88 -2.06 -5.76
N ARG B 66 14.69 -2.29 -4.46
CA ARG B 66 14.69 -3.65 -3.93
C ARG B 66 13.40 -4.40 -4.21
N VAL B 67 12.33 -3.71 -4.57
CA VAL B 67 11.04 -4.34 -4.78
C VAL B 67 10.49 -3.93 -6.14
N SER B 68 9.70 -4.81 -6.74
CA SER B 68 8.94 -4.48 -7.94
C SER B 68 7.59 -5.16 -7.88
N MET B 69 6.54 -4.37 -8.05
CA MET B 69 5.18 -4.86 -8.14
C MET B 69 4.80 -4.95 -9.62
N THR B 70 4.58 -6.16 -10.12
CA THR B 70 4.20 -6.38 -11.51
C THR B 70 2.88 -7.13 -11.57
N ARG B 71 2.45 -7.46 -12.78
CA ARG B 71 1.18 -8.13 -12.98
C ARG B 71 1.17 -8.78 -14.35
N ASP B 72 0.14 -9.59 -14.60
CA ASP B 72 -0.06 -10.20 -15.91
C ASP B 72 -1.57 -10.35 -16.10
N THR B 73 -2.19 -9.25 -16.56
CA THR B 73 -3.63 -9.20 -16.74
C THR B 73 -4.18 -10.38 -17.55
N SER B 74 -3.33 -11.04 -18.34
CA SER B 74 -3.77 -12.17 -19.14
C SER B 74 -4.32 -13.30 -18.27
N ILE B 75 -3.69 -13.56 -17.12
CA ILE B 75 -4.17 -14.55 -16.17
C ILE B 75 -4.51 -13.90 -14.83
N GLU B 76 -4.78 -12.59 -14.82
CA GLU B 76 -5.25 -11.82 -13.67
C GLU B 76 -4.51 -12.20 -12.39
N THR B 77 -3.19 -11.97 -12.42
CA THR B 77 -2.31 -12.27 -11.29
C THR B 77 -1.37 -11.10 -11.07
N ALA B 78 -1.34 -10.59 -9.84
CA ALA B 78 -0.35 -9.63 -9.42
C ALA B 78 0.91 -10.37 -8.96
N PHE B 79 1.99 -9.60 -8.75
CA PHE B 79 3.27 -10.18 -8.41
C PHE B 79 4.04 -9.20 -7.56
N LEU B 80 4.69 -9.72 -6.53
CA LEU B 80 5.63 -8.94 -5.71
C LEU B 80 7.00 -9.56 -5.82
N ASP B 81 8.03 -8.72 -5.98
CA ASP B 81 9.41 -9.19 -6.10
C ASP B 81 10.30 -8.45 -5.12
N LEU B 82 11.02 -9.20 -4.28
CA LEU B 82 11.95 -8.62 -3.31
C LEU B 82 13.33 -9.22 -3.51
N ARG B 83 14.32 -8.37 -3.74
CA ARG B 83 15.70 -8.79 -3.96
C ARG B 83 16.54 -8.53 -2.71
N GLY B 84 17.67 -9.22 -2.62
CA GLY B 84 18.62 -9.03 -1.53
C GLY B 84 18.03 -9.12 -0.14
N LEU B 85 17.53 -10.30 0.24
CA LEU B 85 16.86 -10.46 1.52
C LEU B 85 17.86 -10.52 2.67
N LYS B 86 17.49 -9.90 3.80
CA LYS B 86 18.22 -10.04 5.04
C LYS B 86 17.33 -10.69 6.10
N SER B 87 17.66 -10.47 7.38
CA SER B 87 16.82 -11.02 8.45
C SER B 87 15.54 -10.21 8.64
N ASP B 88 15.66 -8.88 8.66
CA ASP B 88 14.49 -8.03 8.89
C ASP B 88 13.44 -8.13 7.78
N ASP B 89 13.70 -8.94 6.76
CA ASP B 89 12.74 -9.17 5.68
C ASP B 89 11.91 -10.44 5.90
N THR B 90 12.32 -11.31 6.81
CA THR B 90 11.53 -12.48 7.21
C THR B 90 10.14 -12.04 7.64
N ALA B 91 9.12 -12.45 6.90
CA ALA B 91 7.78 -11.92 7.19
C ALA B 91 6.72 -12.66 6.38
N VAL B 92 5.47 -12.32 6.66
CA VAL B 92 4.32 -12.79 5.89
C VAL B 92 3.78 -11.61 5.08
N TYR B 93 3.66 -11.81 3.78
CA TYR B 93 3.27 -10.76 2.84
C TYR B 93 1.88 -11.05 2.30
N TYR B 94 1.02 -10.03 2.26
CA TYR B 94 -0.27 -10.19 1.61
C TYR B 94 -0.40 -9.23 0.44
N CYS B 95 -1.03 -9.70 -0.62
CA CYS B 95 -1.61 -8.85 -1.65
C CYS B 95 -3.03 -8.54 -1.24
N VAL B 96 -3.44 -7.28 -1.42
CA VAL B 96 -4.77 -6.83 -1.00
C VAL B 96 -5.31 -5.88 -2.05
N ARG B 97 -6.63 -5.93 -2.27
CA ARG B 97 -7.27 -5.14 -3.31
C ARG B 97 -7.92 -3.92 -2.70
N ASP B 98 -7.32 -2.76 -2.95
CA ASP B 98 -8.04 -1.49 -2.82
C ASP B 98 -9.22 -1.51 -3.78
N ARG B 99 -10.32 -0.87 -3.38
CA ARG B 99 -11.42 -0.66 -4.32
C ARG B 99 -11.92 0.78 -4.34
N SER B 100 -11.27 1.68 -3.62
CA SER B 100 -11.56 3.09 -3.75
C SER B 100 -10.65 3.77 -4.77
N ASN B 101 -9.88 3.00 -5.54
CA ASN B 101 -8.92 3.61 -6.45
C ASN B 101 -8.56 2.71 -7.63
N GLY B 102 -8.31 3.34 -8.77
CA GLY B 102 -8.04 2.69 -10.04
C GLY B 102 -9.03 3.14 -11.09
N SER B 103 -9.07 2.40 -12.20
CA SER B 103 -10.19 2.57 -13.11
C SER B 103 -11.35 1.71 -12.63
N GLY B 104 -12.53 1.99 -13.16
CA GLY B 104 -13.73 1.30 -12.76
C GLY B 104 -14.50 2.02 -11.67
N LYS B 105 -15.72 1.54 -11.42
CA LYS B 105 -16.55 2.18 -10.41
C LYS B 105 -15.95 1.89 -9.05
N ARG B 106 -15.30 2.89 -8.47
CA ARG B 106 -14.69 2.74 -7.17
C ARG B 106 -15.77 2.72 -6.09
N PHE B 107 -15.38 2.29 -4.88
CA PHE B 107 -16.39 1.97 -3.87
C PHE B 107 -17.03 3.19 -3.23
N GLU B 108 -16.34 4.35 -3.24
CA GLU B 108 -16.70 5.54 -2.49
C GLU B 108 -16.25 5.39 -1.04
N SER B 109 -14.97 5.66 -0.83
CA SER B 109 -14.35 5.64 0.49
C SER B 109 -13.30 6.73 0.47
N SER B 110 -13.39 7.69 1.40
CA SER B 110 -12.41 8.76 1.41
C SER B 110 -11.03 8.25 1.83
N ASN B 111 -11.00 7.32 2.76
CA ASN B 111 -9.78 6.60 3.10
C ASN B 111 -9.58 5.43 2.12
N TRP B 112 -8.54 4.64 2.34
CA TRP B 112 -8.29 3.47 1.51
C TRP B 112 -9.25 2.36 1.89
N PHE B 113 -9.79 1.68 0.87
CA PHE B 113 -10.82 0.67 1.07
C PHE B 113 -10.26 -0.71 0.77
N LEU B 114 -9.76 -1.37 1.81
CA LEU B 114 -9.07 -2.65 1.66
C LEU B 114 -10.08 -3.80 1.68
N ASP B 115 -10.86 -3.85 0.58
CA ASP B 115 -11.96 -4.79 0.41
C ASP B 115 -11.52 -6.24 0.60
N LEU B 116 -10.63 -6.70 -0.28
CA LEU B 116 -10.34 -8.11 -0.48
C LEU B 116 -8.92 -8.40 -0.04
N TRP B 117 -8.75 -9.49 0.69
CA TRP B 117 -7.45 -9.82 1.26
C TRP B 117 -7.04 -11.22 0.87
N GLY B 118 -5.75 -11.38 0.55
CA GLY B 118 -5.20 -12.69 0.36
C GLY B 118 -4.92 -13.37 1.68
N ARG B 119 -4.57 -14.66 1.59
CA ARG B 119 -4.34 -15.44 2.79
C ARG B 119 -2.92 -15.27 3.33
N GLY B 120 -1.99 -14.78 2.52
CA GLY B 120 -0.64 -14.55 2.99
C GLY B 120 0.33 -15.56 2.41
N THR B 121 1.56 -15.10 2.23
CA THR B 121 2.67 -15.99 1.89
C THR B 121 3.80 -15.69 2.85
N ALA B 122 4.30 -16.73 3.51
CA ALA B 122 5.39 -16.59 4.46
C ALA B 122 6.71 -16.81 3.74
N VAL B 123 7.64 -15.87 3.91
CA VAL B 123 9.02 -16.09 3.51
C VAL B 123 9.88 -16.02 4.76
N THR B 124 10.69 -17.05 4.97
CA THR B 124 11.58 -17.12 6.11
C THR B 124 13.03 -17.11 5.62
N ILE B 125 13.81 -16.18 6.15
CA ILE B 125 15.21 -16.01 5.76
C ILE B 125 16.05 -16.79 6.77
N GLN B 126 16.48 -17.98 6.36
CA GLN B 126 17.26 -18.86 7.22
C GLN B 126 18.74 -18.59 7.01
N SER B 127 19.25 -17.58 7.72
CA SER B 127 20.67 -17.31 7.77
C SER B 127 21.35 -18.30 8.70
N ALA B 128 20.81 -19.52 8.77
CA ALA B 128 21.26 -20.56 9.65
C ALA B 128 22.14 -21.55 8.88
N SER B 129 22.21 -22.78 9.36
CA SER B 129 22.77 -23.90 8.62
C SER B 129 22.08 -25.16 9.12
N THR B 130 22.64 -25.76 10.16
CA THR B 130 22.01 -26.85 10.89
C THR B 130 22.48 -26.81 12.34
N LYS B 131 23.68 -27.35 12.58
CA LYS B 131 24.30 -27.40 13.91
C LYS B 131 23.44 -28.16 14.90
N GLY B 132 23.91 -28.23 16.14
CA GLY B 132 23.14 -28.84 17.20
C GLY B 132 23.02 -27.87 18.36
N PRO B 133 22.53 -28.35 19.50
CA PRO B 133 22.43 -27.51 20.68
C PRO B 133 23.65 -27.59 21.59
N SER B 134 23.86 -26.52 22.34
CA SER B 134 24.77 -26.50 23.47
C SER B 134 23.93 -26.29 24.71
N VAL B 135 23.83 -27.31 25.55
CA VAL B 135 22.92 -27.29 26.69
C VAL B 135 23.70 -26.97 27.95
N PHE B 136 23.12 -26.13 28.79
CA PHE B 136 23.73 -25.73 30.04
C PHE B 136 22.71 -25.76 31.18
N PRO B 137 23.16 -26.02 32.41
CA PRO B 137 22.22 -26.23 33.52
C PRO B 137 21.70 -24.91 34.11
N LEU B 138 20.38 -24.84 34.29
CA LEU B 138 19.75 -23.78 35.08
C LEU B 138 19.67 -24.27 36.51
N ALA B 139 20.53 -23.74 37.38
CA ALA B 139 20.68 -24.18 38.76
C ALA B 139 19.69 -23.48 39.68
N PRO B 140 19.18 -24.19 40.69
CA PRO B 140 18.31 -23.56 41.67
C PRO B 140 19.11 -22.66 42.61
N SER B 141 18.39 -21.73 43.25
CA SER B 141 19.04 -20.75 44.11
C SER B 141 18.25 -20.51 45.40
N SER B 142 17.61 -19.35 45.50
CA SER B 142 16.82 -19.01 46.69
C SER B 142 15.57 -18.24 46.30
N GLY B 147 6.66 -21.53 49.86
CA GLY B 147 7.60 -21.92 50.91
C GLY B 147 8.62 -22.94 50.44
N GLY B 148 8.17 -24.16 50.16
CA GLY B 148 9.05 -25.20 49.66
C GLY B 148 9.34 -25.04 48.18
N THR B 149 9.43 -23.79 47.73
CA THR B 149 9.61 -23.49 46.32
C THR B 149 11.01 -23.87 45.85
N ALA B 150 11.10 -24.48 44.67
CA ALA B 150 12.38 -24.89 44.10
C ALA B 150 12.21 -25.10 42.60
N ALA B 151 12.91 -24.30 41.79
CA ALA B 151 12.83 -24.36 40.34
C ALA B 151 14.21 -24.56 39.72
N LEU B 152 14.30 -25.40 38.69
CA LEU B 152 15.55 -25.70 38.03
C LEU B 152 15.29 -25.95 36.56
N GLY B 153 16.34 -26.18 35.79
CA GLY B 153 16.08 -26.43 34.39
C GLY B 153 17.32 -26.59 33.54
N CYS B 154 17.11 -26.28 32.27
CA CYS B 154 17.84 -26.89 31.15
C CYS B 154 17.74 -25.99 29.96
N LEU B 155 18.82 -25.28 29.71
CA LEU B 155 18.84 -24.35 28.61
C LEU B 155 19.51 -24.99 27.40
N VAL B 156 18.94 -24.72 26.23
CA VAL B 156 19.33 -25.38 24.99
C VAL B 156 19.66 -24.26 24.00
N LYS B 157 20.96 -24.06 23.73
CA LYS B 157 21.46 -22.86 23.08
C LYS B 157 21.83 -23.12 21.62
N ASP B 158 21.27 -22.30 20.73
CA ASP B 158 21.71 -22.13 19.36
C ASP B 158 21.71 -23.42 18.54
N TYR B 159 20.53 -23.81 18.03
CA TYR B 159 20.40 -25.00 17.19
C TYR B 159 19.46 -24.69 16.02
N PHE B 160 19.33 -25.67 15.12
CA PHE B 160 18.53 -25.51 13.91
C PHE B 160 18.39 -26.84 13.16
N PRO B 161 17.18 -27.20 12.72
CA PRO B 161 15.90 -26.57 13.04
C PRO B 161 15.10 -27.36 14.07
N GLU B 162 13.81 -27.06 14.17
CA GLU B 162 12.95 -27.75 15.11
C GLU B 162 12.64 -29.16 14.61
N PRO B 163 12.28 -30.09 15.52
CA PRO B 163 12.23 -29.90 16.96
C PRO B 163 13.35 -30.61 17.73
N VAL B 164 13.44 -30.31 19.02
CA VAL B 164 14.25 -31.06 19.96
C VAL B 164 13.31 -31.65 21.00
N THR B 165 13.67 -32.82 21.52
CA THR B 165 12.83 -33.54 22.48
C THR B 165 13.56 -33.63 23.81
N VAL B 166 12.97 -33.05 24.85
CA VAL B 166 13.55 -32.98 26.19
C VAL B 166 12.80 -33.93 27.09
N SER B 167 13.54 -34.77 27.82
CA SER B 167 12.95 -35.81 28.66
C SER B 167 13.77 -35.92 29.94
N TRP B 168 13.24 -35.44 31.05
CA TRP B 168 14.03 -35.39 32.28
C TRP B 168 14.29 -36.79 32.82
N ASN B 169 15.56 -37.05 33.17
CA ASN B 169 16.00 -38.30 33.80
C ASN B 169 15.45 -39.53 33.08
N SER B 170 15.58 -39.53 31.75
CA SER B 170 15.21 -40.65 30.91
C SER B 170 13.75 -41.09 31.08
N GLY B 171 12.89 -40.18 31.52
CA GLY B 171 11.48 -40.51 31.68
C GLY B 171 11.09 -40.92 33.08
N ALA B 172 11.72 -40.32 34.08
CA ALA B 172 11.35 -40.50 35.47
C ALA B 172 10.68 -39.28 36.08
N LEU B 173 11.15 -38.08 35.71
CA LEU B 173 10.53 -36.83 36.12
C LEU B 173 9.62 -36.36 34.99
N THR B 174 8.31 -36.28 35.27
CA THR B 174 7.37 -35.72 34.30
C THR B 174 6.42 -34.68 34.90
N SER B 175 6.11 -34.72 36.19
CA SER B 175 5.23 -33.72 36.78
C SER B 175 5.96 -32.41 37.00
N GLY B 176 5.23 -31.31 36.88
CA GLY B 176 5.80 -29.98 37.07
C GLY B 176 6.78 -29.54 36.02
N VAL B 177 6.96 -30.31 34.95
CA VAL B 177 7.89 -29.94 33.89
C VAL B 177 7.21 -28.94 32.97
N HIS B 178 7.96 -27.91 32.57
CA HIS B 178 7.47 -26.88 31.66
C HIS B 178 8.56 -26.59 30.65
N THR B 179 8.38 -27.07 29.43
CA THR B 179 9.22 -26.70 28.30
C THR B 179 8.54 -25.55 27.57
N PHE B 180 9.29 -24.48 27.34
CA PHE B 180 8.73 -23.27 26.76
C PHE B 180 9.01 -23.22 25.26
N PRO B 181 8.28 -22.41 24.51
CA PRO B 181 8.50 -22.37 23.06
C PRO B 181 9.88 -21.83 22.74
N ALA B 182 10.49 -22.39 21.70
CA ALA B 182 11.84 -22.00 21.30
C ALA B 182 11.81 -20.66 20.58
N VAL B 183 12.92 -19.93 20.70
CA VAL B 183 13.06 -18.61 20.11
C VAL B 183 13.86 -18.72 18.83
N LEU B 184 13.46 -17.95 17.82
CA LEU B 184 14.27 -17.73 16.63
C LEU B 184 14.95 -16.37 16.83
N GLN B 185 16.21 -16.41 17.22
CA GLN B 185 16.94 -15.22 17.63
C GLN B 185 17.43 -14.43 16.41
N SER B 186 18.21 -13.39 16.69
CA SER B 186 18.86 -12.58 15.67
C SER B 186 19.44 -13.43 14.55
N SER B 187 20.25 -14.42 14.92
CA SER B 187 20.97 -15.27 13.98
C SER B 187 20.06 -16.13 13.13
N GLY B 188 18.77 -16.20 13.42
CA GLY B 188 17.94 -17.21 12.79
C GLY B 188 18.21 -18.60 13.33
N LEU B 189 18.71 -18.70 14.56
CA LEU B 189 18.92 -19.97 15.25
C LEU B 189 17.80 -20.21 16.26
N TYR B 190 17.68 -21.46 16.68
CA TYR B 190 16.73 -21.85 17.70
C TYR B 190 17.44 -22.05 19.04
N SER B 191 16.71 -21.81 20.13
CA SER B 191 17.18 -22.03 21.48
C SER B 191 15.97 -21.98 22.41
N LEU B 192 15.96 -22.85 23.41
CA LEU B 192 14.80 -22.96 24.30
C LEU B 192 15.26 -23.18 25.74
N SER B 193 14.28 -23.32 26.62
CA SER B 193 14.51 -23.55 28.05
C SER B 193 13.46 -24.53 28.57
N SER B 194 13.90 -25.40 29.49
CA SER B 194 12.98 -26.35 30.12
C SER B 194 13.19 -26.32 31.62
N VAL B 195 12.14 -26.03 32.39
CA VAL B 195 12.27 -25.96 33.85
C VAL B 195 11.37 -27.00 34.49
N VAL B 196 11.56 -27.16 35.79
CA VAL B 196 10.70 -27.99 36.63
C VAL B 196 10.70 -27.41 38.04
N THR B 197 9.51 -27.40 38.65
CA THR B 197 9.35 -27.06 40.06
C THR B 197 9.45 -28.34 40.88
N VAL B 198 10.33 -28.33 41.86
CA VAL B 198 10.65 -29.52 42.64
C VAL B 198 10.50 -29.20 44.13
N PRO B 199 10.65 -30.17 45.03
CA PRO B 199 10.72 -29.81 46.46
C PRO B 199 12.10 -29.25 46.79
N SER B 200 12.13 -28.13 47.51
CA SER B 200 13.39 -27.57 47.97
C SER B 200 14.18 -28.59 48.78
N SER B 201 13.48 -29.45 49.52
CA SER B 201 14.11 -30.51 50.29
C SER B 201 14.69 -31.62 49.44
N SER B 202 14.31 -31.70 48.16
CA SER B 202 14.82 -32.73 47.26
C SER B 202 16.19 -32.38 46.69
N LEU B 203 16.63 -31.14 46.81
CA LEU B 203 17.98 -30.76 46.40
C LEU B 203 18.98 -31.30 47.41
N GLY B 204 19.84 -32.21 46.95
CA GLY B 204 20.82 -32.88 47.81
C GLY B 204 20.53 -34.37 47.97
N THR B 205 19.28 -34.77 47.82
CA THR B 205 18.89 -36.17 47.95
C THR B 205 18.72 -36.86 46.60
N GLN B 206 18.44 -36.11 45.54
CA GLN B 206 18.37 -36.68 44.19
C GLN B 206 18.63 -35.56 43.20
N THR B 207 19.60 -35.76 42.33
CA THR B 207 19.91 -34.80 41.29
C THR B 207 19.25 -35.22 39.97
N TYR B 208 18.98 -34.22 39.11
CA TYR B 208 18.27 -34.40 37.85
C TYR B 208 19.14 -33.96 36.68
N ILE B 209 18.76 -34.41 35.46
CA ILE B 209 19.56 -34.24 34.25
C ILE B 209 18.68 -33.82 33.07
N CYS B 210 19.08 -32.77 32.40
CA CYS B 210 18.67 -32.58 31.02
C CYS B 210 18.77 -33.82 30.17
N ASN B 211 17.84 -33.95 29.25
CA ASN B 211 18.02 -34.88 28.12
C ASN B 211 17.64 -34.20 26.81
N VAL B 212 18.56 -33.42 26.28
CA VAL B 212 18.35 -32.72 25.02
C VAL B 212 18.67 -33.68 23.87
N ASN B 213 17.82 -33.68 22.85
CA ASN B 213 17.95 -34.60 21.72
C ASN B 213 17.56 -33.86 20.44
N HIS B 214 18.57 -33.48 19.65
CA HIS B 214 18.37 -32.89 18.32
C HIS B 214 18.58 -34.00 17.30
N LYS B 215 17.47 -34.57 16.81
CA LYS B 215 17.57 -35.74 15.94
C LYS B 215 18.14 -35.40 14.56
N PRO B 216 17.62 -34.41 13.82
CA PRO B 216 18.19 -34.12 12.49
C PRO B 216 19.65 -33.73 12.56
N SER B 217 20.11 -33.20 13.68
CA SER B 217 21.53 -32.96 13.92
C SER B 217 22.26 -34.17 14.48
N ASN B 218 21.53 -35.23 14.81
CA ASN B 218 22.08 -36.38 15.53
C ASN B 218 22.82 -35.93 16.77
N THR B 219 22.07 -35.58 17.82
CA THR B 219 22.63 -35.07 19.06
C THR B 219 21.81 -35.61 20.22
N LYS B 220 22.47 -36.33 21.14
CA LYS B 220 21.83 -36.88 22.33
C LYS B 220 22.65 -36.43 23.53
N VAL B 221 22.11 -35.51 24.33
CA VAL B 221 22.86 -34.95 25.44
C VAL B 221 22.22 -35.36 26.76
N ASP B 222 23.03 -35.27 27.81
CA ASP B 222 22.59 -35.39 29.21
C ASP B 222 23.35 -34.34 29.99
N LYS B 223 22.65 -33.49 30.74
CA LYS B 223 23.35 -32.48 31.54
C LYS B 223 22.77 -32.39 32.94
N ARG B 224 23.58 -32.74 33.94
CA ARG B 224 23.13 -32.78 35.33
C ARG B 224 23.15 -31.40 35.98
N VAL B 225 22.17 -31.14 36.85
CA VAL B 225 22.00 -29.84 37.48
C VAL B 225 22.13 -29.99 38.99
N GLU B 226 22.95 -29.12 39.60
CA GLU B 226 23.03 -29.02 41.05
C GLU B 226 22.78 -27.58 41.51
N ALA C 3 3.27 3.50 13.35
CA ALA C 3 2.84 4.81 12.86
C ALA C 3 1.63 5.30 13.64
N LEU C 4 0.69 4.38 13.87
CA LEU C 4 -0.47 4.64 14.71
C LEU C 4 -0.47 3.64 15.86
N THR C 5 -0.71 4.14 17.07
CA THR C 5 -0.44 3.43 18.32
C THR C 5 -1.19 2.12 18.45
N GLN C 6 -2.46 2.18 18.93
CA GLN C 6 -3.35 1.04 19.12
C GLN C 6 -2.87 0.12 20.26
N PRO C 7 -3.65 -0.05 21.32
CA PRO C 7 -3.27 -0.97 22.39
C PRO C 7 -3.21 -2.41 21.89
N ARG C 8 -2.65 -3.27 22.74
CA ARG C 8 -2.34 -4.63 22.33
C ARG C 8 -3.40 -5.66 22.69
N SER C 9 -4.19 -5.43 23.74
CA SER C 9 -5.11 -6.45 24.21
C SER C 9 -6.48 -5.86 24.55
N VAL C 10 -7.53 -6.58 24.15
CA VAL C 10 -8.87 -6.41 24.67
C VAL C 10 -9.36 -7.77 25.12
N SER C 11 -10.41 -7.76 25.95
CA SER C 11 -10.97 -9.00 26.47
C SER C 11 -12.34 -8.71 27.08
N ALA C 12 -13.26 -9.67 26.91
CA ALA C 12 -14.62 -9.59 27.43
C ALA C 12 -15.23 -10.98 27.35
N SER C 13 -16.53 -11.07 27.65
CA SER C 13 -17.13 -12.39 27.78
C SER C 13 -18.45 -12.48 27.01
N PRO C 14 -18.75 -13.65 26.41
CA PRO C 14 -19.80 -13.76 25.37
C PRO C 14 -21.12 -13.03 25.61
N GLY C 15 -21.12 -11.71 25.52
CA GLY C 15 -22.38 -10.99 25.56
C GLY C 15 -22.30 -9.51 25.84
N GLN C 16 -21.14 -9.04 26.32
CA GLN C 16 -21.01 -7.62 26.67
C GLN C 16 -20.59 -6.78 25.47
N SER C 17 -19.68 -5.83 25.68
CA SER C 17 -19.25 -4.94 24.60
C SER C 17 -17.85 -4.41 24.88
N VAL C 18 -17.05 -4.26 23.82
CA VAL C 18 -15.67 -3.79 23.93
C VAL C 18 -15.42 -2.65 22.95
N THR C 19 -14.36 -1.89 23.23
CA THR C 19 -13.94 -0.76 22.39
C THR C 19 -12.42 -0.81 22.23
N ILE C 20 -11.97 -1.05 21.01
CA ILE C 20 -10.56 -0.91 20.63
C ILE C 20 -10.38 0.49 20.08
N SER C 21 -9.24 1.12 20.35
CA SER C 21 -9.02 2.44 19.77
C SER C 21 -7.66 2.51 19.09
N CYS C 22 -7.57 3.44 18.14
CA CYS C 22 -6.34 3.75 17.42
C CYS C 22 -5.95 5.20 17.65
N THR C 23 -4.84 5.40 18.34
CA THR C 23 -4.32 6.75 18.42
C THR C 23 -3.25 6.97 17.38
N GLY C 24 -3.05 8.23 17.03
CA GLY C 24 -2.10 8.61 16.00
C GLY C 24 -2.27 10.07 15.62
N THR C 25 -2.91 10.32 14.47
CA THR C 25 -3.14 11.69 14.04
C THR C 25 -4.45 11.77 13.27
N HIS C 26 -4.90 13.00 13.03
CA HIS C 26 -6.29 13.32 12.71
C HIS C 26 -6.77 12.93 11.32
N ASN C 27 -6.39 11.77 10.80
CA ASN C 27 -6.92 11.30 9.52
C ASN C 27 -7.91 10.16 9.76
N LEU C 28 -8.71 9.88 8.73
CA LEU C 28 -9.77 8.88 8.87
C LEU C 28 -9.20 7.48 8.82
N VAL C 29 -9.88 6.59 9.51
CA VAL C 29 -9.35 5.27 9.83
C VAL C 29 -10.38 4.22 9.48
N SER C 30 -9.93 3.12 8.88
CA SER C 30 -10.77 1.96 8.68
C SER C 30 -10.19 0.80 9.49
N TRP C 31 -11.03 -0.19 9.73
CA TRP C 31 -10.71 -1.29 10.65
C TRP C 31 -10.83 -2.63 9.94
N CYS C 32 -10.14 -3.62 10.49
CA CYS C 32 -10.01 -4.90 9.84
C CYS C 32 -9.86 -6.01 10.88
N GLN C 33 -10.62 -7.09 10.68
CA GLN C 33 -10.54 -8.26 11.54
C GLN C 33 -9.74 -9.35 10.84
N HIS C 34 -8.90 -10.05 11.61
CA HIS C 34 -7.98 -11.05 11.10
C HIS C 34 -8.06 -12.26 12.02
N GLN C 35 -8.81 -13.28 11.59
CA GLN C 35 -8.89 -14.55 12.29
C GLN C 35 -7.58 -15.32 12.12
N PRO C 36 -7.28 -16.30 13.01
CA PRO C 36 -5.95 -16.94 12.98
C PRO C 36 -5.60 -17.57 11.64
N GLY C 37 -4.73 -16.91 10.88
CA GLY C 37 -4.27 -17.41 9.59
C GLY C 37 -5.20 -17.21 8.42
N ARG C 38 -6.38 -16.62 8.64
CA ARG C 38 -7.35 -16.42 7.59
C ARG C 38 -7.08 -15.12 6.84
N ALA C 39 -7.87 -14.87 5.80
CA ALA C 39 -7.77 -13.62 5.07
C ALA C 39 -8.53 -12.53 5.82
N PRO C 40 -7.86 -11.42 6.21
CA PRO C 40 -8.55 -10.35 6.94
C PRO C 40 -9.82 -9.84 6.28
N LYS C 41 -10.70 -9.21 7.06
CA LYS C 41 -12.01 -8.79 6.60
C LYS C 41 -12.26 -7.35 7.00
N LEU C 42 -12.59 -6.51 6.02
CA LEU C 42 -12.96 -5.12 6.29
C LEU C 42 -14.22 -5.08 7.14
N LEU C 43 -14.19 -4.28 8.20
CA LEU C 43 -15.31 -4.17 9.14
C LEU C 43 -16.05 -2.84 9.01
N ILE C 44 -15.35 -1.73 9.21
CA ILE C 44 -15.95 -0.40 9.09
C ILE C 44 -14.90 0.54 8.52
N TYR C 45 -15.36 1.51 7.73
CA TYR C 45 -14.48 2.43 7.04
C TYR C 45 -14.90 3.87 7.33
N ASP C 46 -13.98 4.79 7.07
CA ASP C 46 -14.20 6.23 7.23
C ASP C 46 -14.90 6.54 8.55
N PHE C 47 -14.22 6.14 9.64
CA PHE C 47 -14.66 6.35 11.02
C PHE C 47 -15.88 5.51 11.38
N ASN C 48 -17.06 5.93 10.94
CA ASN C 48 -18.31 5.34 11.39
C ASN C 48 -19.00 4.46 10.35
N LYS C 49 -18.70 4.65 9.07
CA LYS C 49 -19.42 3.95 8.02
C LYS C 49 -19.13 2.46 8.04
N ARG C 50 -20.13 1.67 7.67
CA ARG C 50 -20.06 0.23 7.76
C ARG C 50 -20.55 -0.37 6.43
N PRO C 51 -19.78 -1.26 5.82
CA PRO C 51 -20.22 -1.87 4.55
C PRO C 51 -21.37 -2.84 4.75
N SER C 52 -21.56 -3.74 3.80
CA SER C 52 -22.62 -4.73 3.86
C SER C 52 -22.02 -6.13 3.86
N GLY C 53 -22.69 -7.03 4.58
CA GLY C 53 -22.12 -8.30 4.97
C GLY C 53 -21.57 -8.28 6.38
N VAL C 54 -21.69 -7.16 7.07
CA VAL C 54 -21.14 -6.97 8.41
C VAL C 54 -22.24 -6.47 9.33
N PRO C 55 -22.29 -6.92 10.58
CA PRO C 55 -23.44 -6.62 11.44
C PRO C 55 -23.38 -5.24 12.09
N ASP C 56 -24.55 -4.81 12.59
CA ASP C 56 -24.70 -3.53 13.26
C ASP C 56 -23.95 -3.46 14.58
N ARG C 57 -23.53 -4.60 15.13
CA ARG C 57 -22.82 -4.58 16.40
C ARG C 57 -21.47 -3.88 16.27
N PHE C 58 -20.73 -4.17 15.20
CA PHE C 58 -19.51 -3.42 14.93
C PHE C 58 -19.86 -2.00 14.50
N SER C 59 -19.18 -1.03 15.10
CA SER C 59 -19.36 0.38 14.77
C SER C 59 -18.09 1.10 15.14
N GLY C 60 -18.11 2.42 14.98
CA GLY C 60 -16.94 3.20 15.35
C GLY C 60 -17.17 4.68 15.14
N SER C 61 -16.15 5.44 15.48
CA SER C 61 -16.16 6.90 15.35
C SER C 61 -14.71 7.37 15.50
N GLY C 62 -14.52 8.68 15.63
CA GLY C 62 -13.19 9.21 15.80
C GLY C 62 -13.12 10.72 15.64
N SER C 63 -12.40 11.39 16.56
CA SER C 63 -12.09 12.81 16.46
C SER C 63 -11.25 13.24 17.65
N GLY C 64 -10.31 14.17 17.43
CA GLY C 64 -9.40 14.61 18.46
C GLY C 64 -8.02 13.97 18.43
N GLY C 65 -7.81 12.97 17.58
CA GLY C 65 -6.53 12.31 17.47
C GLY C 65 -6.60 10.80 17.50
N THR C 66 -7.68 10.28 18.07
CA THR C 66 -7.89 8.85 18.27
C THR C 66 -9.23 8.44 17.68
N ALA C 67 -9.27 7.21 17.16
CA ALA C 67 -10.47 6.63 16.58
C ALA C 67 -10.90 5.42 17.39
N SER C 68 -12.20 5.17 17.43
CA SER C 68 -12.77 4.11 18.24
C SER C 68 -13.51 3.11 17.35
N LEU C 69 -13.34 1.82 17.67
CA LEU C 69 -14.04 0.72 17.04
C LEU C 69 -14.67 -0.12 18.13
N THR C 70 -15.98 -0.26 18.09
CA THR C 70 -16.73 -0.90 19.15
C THR C 70 -17.44 -2.13 18.61
N ILE C 71 -17.37 -3.23 19.36
CA ILE C 71 -18.11 -4.43 19.01
C ILE C 71 -18.94 -4.82 20.23
N THR C 72 -20.26 -4.81 20.06
CA THR C 72 -21.22 -5.06 21.13
C THR C 72 -21.88 -6.42 20.91
N GLY C 73 -22.32 -7.03 22.01
CA GLY C 73 -22.88 -8.36 21.94
C GLY C 73 -21.91 -9.37 21.36
N LEU C 74 -20.79 -9.58 22.06
CA LEU C 74 -19.72 -10.40 21.52
C LEU C 74 -20.12 -11.87 21.43
N GLN C 75 -19.43 -12.58 20.55
CA GLN C 75 -19.63 -13.99 20.31
C GLN C 75 -18.28 -14.70 20.37
N ASP C 76 -18.34 -16.04 20.35
CA ASP C 76 -17.13 -16.85 20.41
C ASP C 76 -16.48 -17.04 19.05
N ASP C 77 -16.83 -16.18 18.07
CA ASP C 77 -16.16 -16.16 16.77
C ASP C 77 -15.49 -14.81 16.49
N ASP C 78 -15.56 -13.86 17.42
CA ASP C 78 -14.91 -12.57 17.28
C ASP C 78 -13.47 -12.57 17.80
N ASP C 79 -13.00 -13.71 18.30
CA ASP C 79 -11.66 -13.90 18.86
C ASP C 79 -10.62 -13.81 17.74
N ALA C 80 -10.05 -12.62 17.54
CA ALA C 80 -9.13 -12.41 16.42
C ALA C 80 -8.35 -11.11 16.65
N GLU C 81 -7.42 -10.83 15.74
CA GLU C 81 -6.66 -9.59 15.80
C GLU C 81 -7.35 -8.50 14.99
N TYR C 82 -7.22 -7.26 15.43
CA TYR C 82 -7.89 -6.13 14.79
C TYR C 82 -6.87 -5.06 14.46
N PHE C 83 -6.99 -4.48 13.26
CA PHE C 83 -6.02 -3.51 12.75
C PHE C 83 -6.75 -2.30 12.19
N CYS C 84 -6.11 -1.14 12.27
CA CYS C 84 -6.66 0.08 11.74
C CYS C 84 -5.66 0.78 10.84
N TRP C 85 -6.18 1.61 9.94
CA TRP C 85 -5.28 2.33 9.04
C TRP C 85 -5.88 3.67 8.62
N ALA C 86 -4.98 4.62 8.39
CA ALA C 86 -5.28 5.92 7.79
C ALA C 86 -4.29 6.07 6.64
N TYR C 87 -4.75 5.79 5.42
CA TYR C 87 -3.88 5.72 4.24
C TYR C 87 -2.80 4.69 4.52
N GLU C 88 -1.52 5.06 4.53
CA GLU C 88 -0.43 4.12 4.76
C GLU C 88 0.16 4.23 6.16
N ALA C 89 -0.60 4.78 7.10
CA ALA C 89 -0.27 4.72 8.52
C ALA C 89 -1.07 3.59 9.14
N PHE C 90 -0.39 2.65 9.80
CA PHE C 90 -0.99 1.41 10.23
C PHE C 90 -0.90 1.25 11.75
N GLY C 91 -1.94 0.67 12.34
CA GLY C 91 -1.91 0.35 13.74
C GLY C 91 -1.20 -0.97 14.02
N GLY C 92 -0.67 -1.08 15.24
CA GLY C 92 0.08 -2.27 15.61
C GLY C 92 -0.75 -3.53 15.72
N GLY C 93 -2.04 -3.40 16.00
CA GLY C 93 -2.91 -4.53 16.19
C GLY C 93 -3.35 -4.67 17.64
N THR C 94 -4.49 -5.35 17.83
CA THR C 94 -5.05 -5.56 19.16
C THR C 94 -5.67 -6.95 19.22
N LYS C 95 -5.08 -7.83 20.02
CA LYS C 95 -5.61 -9.18 20.19
C LYS C 95 -6.90 -9.12 21.01
N LEU C 96 -7.99 -9.59 20.42
CA LEU C 96 -9.27 -9.68 21.11
C LEU C 96 -9.43 -11.09 21.64
N THR C 97 -9.46 -11.23 22.97
CA THR C 97 -9.65 -12.53 23.62
C THR C 97 -11.09 -12.62 24.14
N VAL C 98 -11.78 -13.69 23.77
CA VAL C 98 -13.10 -13.99 24.34
C VAL C 98 -12.85 -14.91 25.53
N LEU C 99 -12.99 -14.37 26.74
CA LEU C 99 -12.59 -15.05 27.97
C LEU C 99 -13.54 -16.21 28.24
N GLY C 100 -13.07 -17.45 28.02
CA GLY C 100 -13.83 -18.61 28.45
C GLY C 100 -13.57 -19.03 29.88
N GLN C 101 -12.41 -18.64 30.41
CA GLN C 101 -11.94 -18.93 31.77
C GLN C 101 -11.69 -17.61 32.47
N PRO C 102 -11.30 -17.58 33.74
CA PRO C 102 -11.06 -16.30 34.41
C PRO C 102 -9.62 -15.80 34.26
N LYS C 103 -9.42 -14.56 34.72
CA LYS C 103 -8.13 -13.89 34.63
C LYS C 103 -7.08 -14.63 35.45
N ALA C 104 -5.82 -14.41 35.08
CA ALA C 104 -4.69 -14.99 35.80
C ALA C 104 -3.49 -14.06 35.64
N ALA C 105 -2.77 -13.86 36.74
CA ALA C 105 -1.57 -13.03 36.77
C ALA C 105 -0.35 -13.88 36.47
N PRO C 106 0.73 -13.27 35.97
CA PRO C 106 1.88 -14.07 35.54
C PRO C 106 2.74 -14.55 36.70
N SER C 107 3.18 -15.80 36.60
CA SER C 107 4.19 -16.37 37.49
C SER C 107 5.53 -16.29 36.76
N VAL C 108 6.41 -15.41 37.22
CA VAL C 108 7.64 -15.08 36.49
C VAL C 108 8.84 -15.61 37.28
N THR C 109 9.78 -16.22 36.56
CA THR C 109 10.96 -16.84 37.14
C THR C 109 12.20 -16.38 36.38
N LEU C 110 13.23 -15.96 37.11
CA LEU C 110 14.41 -15.34 36.51
C LEU C 110 15.66 -16.09 36.94
N PHE C 111 16.41 -16.60 35.96
CA PHE C 111 17.58 -17.43 36.20
C PHE C 111 18.87 -16.67 35.92
N PRO C 112 19.99 -17.13 36.46
CA PRO C 112 21.28 -16.47 36.18
C PRO C 112 22.03 -17.22 35.09
N PRO C 113 23.09 -16.64 34.53
CA PRO C 113 23.96 -17.40 33.63
C PRO C 113 24.81 -18.38 34.43
N SER C 114 24.82 -19.62 33.99
CA SER C 114 25.51 -20.67 34.73
C SER C 114 27.03 -20.47 34.70
N SER C 115 27.71 -21.12 35.65
CA SER C 115 29.17 -21.11 35.65
C SER C 115 29.72 -21.64 34.34
N GLU C 116 29.06 -22.66 33.79
CA GLU C 116 29.48 -23.25 32.52
C GLU C 116 29.30 -22.29 31.36
N GLU C 117 28.25 -21.46 31.40
CA GLU C 117 28.05 -20.45 30.36
C GLU C 117 29.24 -19.50 30.29
N LEU C 118 29.67 -18.98 31.44
CA LEU C 118 30.77 -18.03 31.47
C LEU C 118 32.12 -18.69 31.22
N GLN C 119 32.23 -20.00 31.48
CA GLN C 119 33.44 -20.71 31.08
C GLN C 119 33.69 -20.58 29.58
N ALA C 120 32.62 -20.49 28.78
CA ALA C 120 32.72 -20.33 27.34
C ALA C 120 32.33 -18.94 26.86
N ASN C 121 32.27 -17.96 27.77
CA ASN C 121 32.20 -16.54 27.45
C ASN C 121 30.89 -16.14 26.75
N LYS C 122 29.76 -16.55 27.35
CA LYS C 122 28.45 -16.02 26.96
C LYS C 122 27.54 -16.02 28.18
N ALA C 123 26.85 -14.90 28.40
CA ALA C 123 25.95 -14.76 29.53
C ALA C 123 24.51 -14.63 29.01
N THR C 124 23.61 -15.45 29.53
CA THR C 124 22.20 -15.35 29.14
C THR C 124 21.34 -15.41 30.39
N LEU C 125 20.59 -14.34 30.64
CA LEU C 125 19.56 -14.33 31.68
C LEU C 125 18.27 -14.85 31.06
N VAL C 126 17.73 -15.93 31.64
CA VAL C 126 16.45 -16.48 31.22
C VAL C 126 15.39 -15.99 32.18
N CYS C 127 14.21 -15.70 31.64
CA CYS C 127 13.09 -15.23 32.44
C CYS C 127 11.81 -15.79 31.85
N LEU C 128 11.29 -16.84 32.48
CA LEU C 128 10.13 -17.54 31.98
C LEU C 128 8.87 -17.03 32.66
N ILE C 129 7.80 -16.95 31.88
CA ILE C 129 6.52 -16.42 32.34
C ILE C 129 5.49 -17.54 32.20
N SER C 130 4.66 -17.71 33.23
CA SER C 130 3.80 -18.89 33.34
C SER C 130 2.39 -18.48 33.75
N ASP C 131 1.43 -19.30 33.31
CA ASP C 131 0.06 -19.32 33.79
C ASP C 131 -0.55 -17.92 33.92
N PHE C 132 -0.84 -17.30 32.78
CA PHE C 132 -1.52 -16.01 32.75
C PHE C 132 -2.56 -16.04 31.65
N TYR C 133 -3.58 -15.22 31.81
CA TYR C 133 -4.71 -15.22 30.88
C TYR C 133 -5.42 -13.88 30.99
N PRO C 134 -5.62 -13.16 29.87
CA PRO C 134 -5.18 -13.40 28.48
C PRO C 134 -3.67 -13.31 28.26
N GLY C 135 -3.23 -13.64 27.04
CA GLY C 135 -1.83 -13.67 26.72
C GLY C 135 -1.33 -12.41 26.05
N ALA C 136 -1.20 -11.34 26.83
CA ALA C 136 -0.69 -10.06 26.36
C ALA C 136 0.31 -9.57 27.39
N VAL C 137 1.59 -9.84 27.12
CA VAL C 137 2.66 -9.58 28.08
C VAL C 137 3.55 -8.46 27.55
N THR C 138 4.25 -7.80 28.46
CA THR C 138 5.25 -6.81 28.09
C THR C 138 6.50 -7.01 28.94
N VAL C 139 7.55 -7.52 28.35
CA VAL C 139 8.78 -7.83 29.08
C VAL C 139 9.70 -6.61 29.04
N ALA C 140 10.47 -6.43 30.12
CA ALA C 140 11.42 -5.32 30.16
C ALA C 140 12.59 -5.65 31.06
N TRP C 141 13.81 -5.45 30.55
CA TRP C 141 15.03 -5.69 31.31
C TRP C 141 15.70 -4.35 31.62
N LYS C 142 16.30 -4.25 32.81
CA LYS C 142 16.85 -2.97 33.26
C LYS C 142 18.15 -3.18 34.04
N ALA C 143 19.19 -2.47 33.64
CA ALA C 143 20.49 -2.54 34.30
C ALA C 143 20.45 -1.76 35.61
N ASP C 144 20.66 -2.48 36.72
CA ASP C 144 20.53 -1.89 38.05
C ASP C 144 19.23 -1.11 38.14
N SER C 145 19.28 0.15 37.70
CA SER C 145 18.15 1.07 37.70
C SER C 145 17.73 1.49 36.31
N SER C 146 18.67 1.70 35.39
CA SER C 146 18.39 2.17 34.04
C SER C 146 17.91 1.01 33.18
N PRO C 147 17.31 1.28 32.01
CA PRO C 147 16.79 0.21 31.17
C PRO C 147 17.80 -0.30 30.15
N VAL C 148 17.43 -1.39 29.49
CA VAL C 148 18.14 -1.91 28.33
C VAL C 148 17.12 -2.24 27.24
N LYS C 149 17.52 -2.04 25.99
CA LYS C 149 16.69 -2.42 24.84
C LYS C 149 17.41 -3.32 23.85
N ALA C 150 18.74 -3.30 23.83
CA ALA C 150 19.53 -4.14 22.94
C ALA C 150 20.00 -5.38 23.67
N GLY C 151 19.94 -6.52 22.97
CA GLY C 151 20.25 -7.81 23.55
C GLY C 151 19.05 -8.61 24.00
N VAL C 152 17.84 -8.08 23.86
CA VAL C 152 16.62 -8.73 24.32
C VAL C 152 15.98 -9.46 23.15
N GLU C 153 15.50 -10.67 23.42
CA GLU C 153 14.91 -11.56 22.41
C GLU C 153 13.70 -12.26 23.03
N THR C 154 12.52 -11.65 22.91
CA THR C 154 11.32 -12.19 23.56
C THR C 154 10.58 -13.16 22.64
N THR C 155 9.26 -13.28 22.81
CA THR C 155 8.48 -14.39 22.26
C THR C 155 7.02 -14.01 22.24
N THR C 156 6.27 -14.65 21.33
CA THR C 156 4.82 -14.57 21.33
C THR C 156 4.23 -15.57 22.34
N PRO C 157 3.23 -15.16 23.12
CA PRO C 157 2.62 -16.08 24.07
C PRO C 157 1.95 -17.26 23.36
N SER C 158 2.13 -18.44 23.92
CA SER C 158 1.52 -19.67 23.42
C SER C 158 0.56 -20.23 24.47
N LYS C 159 -0.36 -21.07 24.00
CA LYS C 159 -1.33 -21.69 24.91
C LYS C 159 -0.73 -22.95 25.52
N GLN C 160 -0.90 -23.12 26.83
CA GLN C 160 -0.38 -24.30 27.52
C GLN C 160 -1.41 -25.42 27.43
N SER C 161 -1.22 -26.46 28.24
CA SER C 161 -2.10 -27.61 28.25
C SER C 161 -3.47 -27.34 28.88
N ASN C 162 -3.69 -26.13 29.41
CA ASN C 162 -4.90 -25.85 30.19
C ASN C 162 -5.40 -24.43 29.94
N ASN C 163 -5.28 -23.97 28.71
CA ASN C 163 -5.93 -22.76 28.19
C ASN C 163 -5.41 -21.46 28.80
N LYS C 164 -4.29 -21.47 29.51
CA LYS C 164 -3.58 -20.24 29.82
C LYS C 164 -2.29 -20.21 29.00
N TYR C 165 -1.41 -19.26 29.31
CA TYR C 165 -0.34 -18.91 28.38
C TYR C 165 1.04 -18.92 29.03
N ALA C 166 2.06 -18.99 28.18
CA ALA C 166 3.46 -19.00 28.59
C ALA C 166 4.29 -18.22 27.57
N ALA C 167 5.45 -17.76 28.03
CA ALA C 167 6.43 -17.09 27.16
C ALA C 167 7.78 -17.11 27.85
N SER C 168 8.83 -16.79 27.09
CA SER C 168 10.18 -16.69 27.59
C SER C 168 10.78 -15.36 27.18
N SER C 169 11.97 -15.07 27.72
CA SER C 169 12.70 -13.86 27.37
C SER C 169 14.15 -14.05 27.74
N TYR C 170 15.05 -13.83 26.79
CA TYR C 170 16.47 -14.06 26.96
C TYR C 170 17.23 -12.75 26.85
N LEU C 171 18.11 -12.49 27.82
CA LEU C 171 19.00 -11.34 27.79
C LEU C 171 20.42 -11.86 27.58
N SER C 172 20.90 -11.76 26.34
CA SER C 172 22.27 -12.15 26.02
C SER C 172 23.21 -10.98 26.31
N LEU C 173 24.36 -11.30 26.91
CA LEU C 173 25.28 -10.31 27.44
C LEU C 173 26.68 -10.90 27.45
N THR C 174 27.67 -10.01 27.56
CA THR C 174 29.07 -10.36 27.66
C THR C 174 29.47 -10.56 29.11
N PRO C 175 30.46 -11.44 29.34
CA PRO C 175 30.91 -11.73 30.72
C PRO C 175 31.18 -10.50 31.56
N GLU C 176 31.91 -9.52 31.02
CA GLU C 176 32.18 -8.31 31.78
C GLU C 176 30.89 -7.56 32.10
N GLN C 177 30.00 -7.41 31.12
CA GLN C 177 28.76 -6.73 31.37
C GLN C 177 27.72 -7.61 32.07
N TRP C 178 28.09 -8.83 32.44
CA TRP C 178 27.29 -9.58 33.41
C TRP C 178 27.63 -9.15 34.84
N LYS C 179 28.91 -9.17 35.19
CA LYS C 179 29.37 -8.64 36.47
C LYS C 179 29.80 -7.18 36.37
N SER C 180 29.31 -6.47 35.35
CA SER C 180 29.59 -5.03 35.25
C SER C 180 29.11 -4.29 36.49
N HIS C 181 27.90 -4.60 36.94
CA HIS C 181 27.31 -3.87 38.05
C HIS C 181 26.49 -4.78 38.96
N ARG C 182 25.51 -4.22 39.64
CA ARG C 182 24.92 -4.87 40.81
C ARG C 182 23.80 -5.85 40.47
N SER C 183 22.80 -5.42 39.70
CA SER C 183 21.56 -6.18 39.58
C SER C 183 21.10 -6.25 38.14
N TYR C 184 20.10 -7.10 37.91
CA TYR C 184 19.47 -7.30 36.62
C TYR C 184 18.13 -7.97 36.85
N SER C 185 17.13 -7.57 36.07
CA SER C 185 15.76 -7.96 36.36
C SER C 185 14.91 -8.03 35.11
N CYS C 186 14.00 -9.00 35.07
CA CYS C 186 13.07 -9.20 33.95
C CYS C 186 11.66 -8.91 34.46
N GLN C 187 11.21 -7.69 34.23
CA GLN C 187 9.86 -7.29 34.58
C GLN C 187 8.87 -7.80 33.54
N VAL C 188 7.67 -8.12 34.03
CA VAL C 188 6.59 -8.62 33.19
C VAL C 188 5.36 -7.77 33.48
N THR C 189 4.97 -6.95 32.52
CA THR C 189 3.75 -6.15 32.62
C THR C 189 2.59 -6.97 32.07
N HIS C 190 1.54 -7.09 32.89
CA HIS C 190 0.31 -7.80 32.55
C HIS C 190 -0.85 -6.99 33.09
N GLU C 191 -1.90 -6.85 32.26
CA GLU C 191 -3.10 -6.05 32.51
C GLU C 191 -2.97 -5.01 33.62
N GLY C 192 -2.19 -3.96 33.36
CA GLY C 192 -2.13 -2.82 34.24
C GLY C 192 -0.91 -2.75 35.14
N SER C 193 -0.39 -3.90 35.58
CA SER C 193 0.65 -3.88 36.60
C SER C 193 1.78 -4.83 36.23
N THR C 194 2.96 -4.52 36.76
CA THR C 194 4.15 -5.31 36.51
C THR C 194 4.42 -6.27 37.66
N VAL C 195 5.23 -7.28 37.36
CA VAL C 195 5.75 -8.21 38.35
C VAL C 195 7.22 -8.41 38.01
N GLU C 196 8.11 -8.07 38.95
CA GLU C 196 9.52 -7.87 38.67
C GLU C 196 10.35 -8.83 39.51
N LYS C 197 11.14 -9.66 38.84
CA LYS C 197 12.12 -10.50 39.51
C LYS C 197 13.46 -9.79 39.49
N THR C 198 14.53 -10.46 39.96
CA THR C 198 15.82 -9.80 40.08
C THR C 198 16.94 -10.81 40.34
N VAL C 199 18.06 -10.68 39.62
CA VAL C 199 19.22 -11.55 39.77
C VAL C 199 20.47 -10.68 39.90
N ALA C 200 21.45 -11.20 40.64
CA ALA C 200 22.71 -10.52 40.88
C ALA C 200 23.86 -11.51 40.76
N PRO C 201 25.06 -11.04 40.40
CA PRO C 201 26.28 -11.84 40.40
C PRO C 201 26.61 -12.42 41.78
C1 NAG D . -11.12 22.94 -3.00
C2 NAG D . -10.16 22.35 -1.96
C3 NAG D . -10.87 22.02 -0.67
C4 NAG D . -11.59 23.26 -0.15
C5 NAG D . -12.45 23.90 -1.23
C6 NAG D . -13.00 25.25 -0.84
C7 NAG D . -8.30 21.01 -2.86
C8 NAG D . -7.87 19.66 -3.39
N2 NAG D . -9.58 21.12 -2.52
O3 NAG D . -9.86 21.68 0.27
O4 NAG D . -12.34 23.00 1.03
O5 NAG D . -11.73 24.11 -2.43
O6 NAG D . -13.61 25.87 -1.96
O7 NAG D . -7.54 21.92 -2.73
C1 NAG E . -18.23 35.61 -13.16
C2 NAG E . -17.20 36.74 -12.90
C3 NAG E . -17.13 37.74 -14.07
C4 NAG E . -17.00 37.03 -15.40
C5 NAG E . -18.19 36.11 -15.55
C6 NAG E . -18.22 35.38 -16.88
C7 NAG E . -16.61 38.08 -10.92
C8 NAG E . -17.12 38.75 -9.68
N2 NAG E . -17.51 37.44 -11.66
O3 NAG E . -16.01 38.60 -13.88
O4 NAG E . -16.96 37.97 -16.47
O5 NAG E . -18.11 35.11 -14.52
O6 NAG E . -18.98 36.10 -17.84
O7 NAG E . -15.42 38.14 -11.24
C1 NAG F . -2.27 19.86 -30.95
C2 NAG F . -2.25 18.54 -31.75
C3 NAG F . -1.58 18.72 -33.10
C4 NAG F . -2.17 19.90 -33.86
C5 NAG F . -2.07 21.15 -32.99
C6 NAG F . -2.67 22.38 -33.63
C7 NAG F . -2.20 16.37 -30.61
C8 NAG F . -1.36 15.40 -29.84
N2 NAG F . -1.60 17.49 -30.99
O3 NAG F . -1.77 17.53 -33.85
O4 NAG F . -1.48 20.11 -35.09
O5 NAG F . -2.79 20.93 -31.77
O6 NAG F . -4.06 22.26 -33.80
O7 NAG F . -3.38 16.14 -30.86
C1 NAG G . -9.08 13.87 2.00
C2 NAG G . -10.43 13.88 2.72
C3 NAG G . -10.36 13.06 4.02
C4 NAG G . -9.25 13.54 4.95
C5 NAG G . -8.34 14.50 4.23
C6 NAG G . -7.06 14.86 4.97
C7 NAG G . -11.53 15.95 2.07
C8 NAG G . -11.92 17.32 2.50
N2 NAG G . -10.91 15.22 3.00
O3 NAG G . -10.24 11.65 3.79
O4 NAG G . -9.78 14.16 6.11
O5 NAG G . -8.00 13.90 2.96
O6 NAG G . -7.38 15.32 6.27
O7 NAG G . -11.82 15.50 0.95
C1 NAG H . 0.99 32.19 -12.74
C2 NAG H . 0.89 33.66 -13.14
C3 NAG H . 1.80 34.55 -12.31
C4 NAG H . 1.50 34.28 -10.83
C5 NAG H . 1.43 32.77 -10.51
C6 NAG H . 1.03 32.49 -9.09
C7 NAG H . 0.62 34.70 -15.37
C8 NAG H . 1.08 34.68 -16.81
N2 NAG H . 1.21 33.80 -14.59
O3 NAG H . 1.55 35.90 -12.65
O4 NAG H . 2.46 34.94 -10.02
O5 NAG H . 0.54 32.08 -11.38
O6 NAG H . -0.05 31.57 -9.04
O7 NAG H . -0.24 35.48 -14.97
C1 NAG I . 9.15 23.15 -35.06
C2 NAG I . 9.36 24.59 -35.56
C3 NAG I . 9.77 24.59 -37.05
C4 NAG I . 10.92 23.63 -37.31
C5 NAG I . 10.59 22.25 -36.73
C6 NAG I . 11.74 21.27 -36.86
C7 NAG I . 7.93 26.11 -34.27
C8 NAG I . 6.63 26.87 -34.24
N2 NAG I . 8.16 25.39 -35.37
O3 NAG I . 10.15 25.91 -37.43
O4 NAG I . 11.14 23.51 -38.70
O5 NAG I . 10.31 22.38 -35.34
O6 NAG I . 12.41 21.10 -35.62
O7 NAG I . 8.72 26.15 -33.32
C1 NAG J . 12.85 30.73 -25.09
C2 NAG J . 13.39 31.56 -26.27
C3 NAG J . 12.70 32.94 -26.33
C4 NAG J . 12.76 33.66 -24.98
C5 NAG J . 12.47 32.71 -23.84
C6 NAG J . 11.47 33.27 -22.85
C7 NAG J . 15.70 30.91 -26.79
C8 NAG J . 17.15 31.22 -26.60
N2 NAG J . 14.83 31.73 -26.19
O3 NAG J . 11.34 32.77 -26.73
O4 NAG J . 14.04 34.25 -24.80
O5 NAG J . 11.91 31.50 -24.35
O6 NAG J . 11.99 33.26 -21.52
O7 NAG J . 15.33 29.95 -27.47
C1 NAG K . 14.88 8.37 -19.78
C2 NAG K . 14.87 6.85 -19.66
C3 NAG K . 15.55 6.40 -18.37
C4 NAG K . 15.95 7.58 -17.48
C5 NAG K . 16.61 8.72 -18.26
C6 NAG K . 18.09 8.50 -18.43
C7 NAG K . 13.19 5.17 -20.31
C8 NAG K . 14.34 4.39 -20.92
N2 NAG K . 13.52 6.34 -19.74
O3 NAG K . 16.72 5.63 -18.70
O4 NAG K . 14.84 8.05 -16.72
O5 NAG K . 16.09 8.84 -19.59
O6 NAG K . 18.30 7.72 -19.59
O7 NAG K . 12.04 4.77 -20.37
C1 NAG L . 19.58 19.18 -15.93
C2 NAG L . 20.32 18.09 -16.69
C3 NAG L . 21.79 18.21 -16.34
C4 NAG L . 22.23 19.66 -16.19
C5 NAG L . 21.29 20.71 -16.80
C6 NAG L . 21.40 20.85 -18.31
C7 NAG L . 19.24 15.92 -17.23
C8 NAG L . 18.99 16.46 -18.61
N2 NAG L . 19.82 16.76 -16.36
O3 NAG L . 22.60 17.52 -17.29
O4 NAG L . 22.47 19.98 -14.82
O5 NAG L . 19.89 20.45 -16.52
O6 NAG L . 21.95 22.09 -18.71
O7 NAG L . 18.90 14.78 -16.91
C1 NAG M . -1.67 27.64 -27.66
C2 NAG M . -3.07 27.70 -28.30
C3 NAG M . -3.33 29.09 -28.89
C4 NAG M . -3.08 30.17 -27.84
C5 NAG M . -1.69 30.01 -27.23
C6 NAG M . -1.41 30.97 -26.11
C7 NAG M . -3.89 25.54 -29.14
C8 NAG M . -4.55 25.37 -27.80
N2 NAG M . -3.20 26.68 -29.32
O3 NAG M . -4.68 29.15 -29.33
O4 NAG M . -3.19 31.45 -28.43
O5 NAG M . -1.55 28.68 -26.69
O6 NAG M . -0.16 31.63 -26.28
O7 NAG M . -3.99 24.69 -30.02
C1 NAG N . 7.03 29.10 5.07
C2 NAG N . 6.05 30.07 4.47
C3 NAG N . 6.31 31.46 5.06
C4 NAG N . 6.50 31.42 6.57
C5 NAG N . 7.16 30.14 7.12
C6 NAG N . 6.87 29.92 8.59
C7 NAG N . 5.42 30.79 2.20
C8 NAG N . 5.72 30.63 0.73
N2 NAG N . 6.19 30.07 3.03
O3 NAG N . 5.23 32.33 4.72
O4 NAG N . 7.34 32.51 6.95
O5 NAG N . 6.74 28.95 6.42
O6 NAG N . 7.85 29.08 9.20
O7 NAG N . 4.52 31.53 2.60
C1 MPD O . 9.07 -0.60 -32.61
C2 MPD O . 9.02 -2.07 -32.22
O2 MPD O . 10.15 -2.33 -31.34
CM MPD O . 7.74 -2.32 -31.44
C3 MPD O . 9.12 -2.94 -33.47
C4 MPD O . 9.15 -4.44 -33.19
O4 MPD O . 7.82 -4.92 -33.18
C5 MPD O . 9.93 -5.20 -34.25
C1 MPD P . 4.01 1.50 6.79
C2 MPD P . 4.83 2.07 5.65
O2 MPD P . 5.75 1.07 5.18
CM MPD P . 3.88 2.41 4.55
C3 MPD P . 5.56 3.35 6.04
C4 MPD P . 5.63 4.37 4.90
O4 MPD P . 4.55 5.27 5.00
C5 MPD P . 6.92 5.18 4.95
#